data_5JR3
#
_entry.id   5JR3
#
_cell.length_a   122.160
_cell.length_b   111.098
_cell.length_c   116.225
_cell.angle_alpha   90.00
_cell.angle_beta   120.02
_cell.angle_gamma   90.00
#
_symmetry.space_group_name_H-M   'C 1 2 1'
#
loop_
_entity.id
_entity.type
_entity.pdbx_description
1 polymer 'Carminomycin 4-O-methyltransferase DnrK'
2 non-polymer S-ADENOSYL-L-HOMOCYSTEINE
3 non-polymer 7-hydroxy-4-methyl-2H-chromen-2-one
4 non-polymer 'SULFATE ION'
5 water water
#
_entity_poly.entity_id   1
_entity_poly.type   'polypeptide(L)'
_entity_poly.pdbx_seq_one_letter_code
;MGSSHHHHHHSSGLVPRGSHMTAEPTVAARPQQIDALRTLIRLGSLHTPMVVRTAATLRLVDHILAGARTVKALAARTDT
RPEALLRLIRHLVAIGLLEEDAPGEFVPTEVGELLADDHPAAQRAWHDLTQAVARADISFTRLPDAIRTGRPTYESIYGK
PFYEDLAGRPDLRASFDSLLACDQDVAFDAPAAAYDWTNVRHVLDVGGGKGGFAAAIARRAPHVSATVLEMAGTVDTARS
YLKDEGLSDRVDVVEGDFFEPLPRKADAIILSFVLLNWPDHDAVRILTRCAEALEPGGRILIHERDDLHENSFNEQFTEL
DLRMLVFLGGALRTREKWDGLAASAGLVVEEVRQLPSPTIPYDLSLLVLAPAATGA
;
_entity_poly.pdbx_strand_id   A,B,C
#
loop_
_chem_comp.id
_chem_comp.type
_chem_comp.name
_chem_comp.formula
4MU non-polymer 7-hydroxy-4-methyl-2H-chromen-2-one 'C10 H8 O3'
SO4 non-polymer 'SULFATE ION' 'O4 S -2'
#
# COMPACT_ATOMS: atom_id res chain seq x y z
N PRO A 31 37.35 2.91 51.79
CA PRO A 31 36.25 2.17 52.42
C PRO A 31 35.33 1.53 51.39
N GLN A 32 34.55 0.53 51.83
CA GLN A 32 33.79 -0.33 50.94
C GLN A 32 32.34 0.11 50.75
N GLN A 33 31.74 0.75 51.74
CA GLN A 33 30.37 1.24 51.61
C GLN A 33 30.31 2.64 51.02
N ILE A 34 31.41 3.16 50.46
CA ILE A 34 31.39 4.50 49.87
C ILE A 34 30.48 4.53 48.66
N ASP A 35 30.59 3.53 47.77
CA ASP A 35 29.71 3.48 46.60
C ASP A 35 28.26 3.32 47.02
N ALA A 36 27.99 2.47 48.01
CA ALA A 36 26.61 2.32 48.48
C ALA A 36 26.08 3.62 49.07
N LEU A 37 26.89 4.31 49.87
CA LEU A 37 26.44 5.58 50.45
C LEU A 37 26.16 6.61 49.38
N ARG A 38 27.04 6.71 48.38
CA ARG A 38 26.82 7.65 47.28
C ARG A 38 25.54 7.32 46.53
N THR A 39 25.29 6.03 46.27
CA THR A 39 24.08 5.64 45.56
C THR A 39 22.84 6.02 46.36
N LEU A 40 22.84 5.73 47.67
CA LEU A 40 21.68 6.06 48.50
C LEU A 40 21.42 7.55 48.51
N ILE A 41 22.48 8.36 48.67
CA ILE A 41 22.27 9.80 48.74
C ILE A 41 21.71 10.33 47.44
N ARG A 42 22.23 9.87 46.30
CA ARG A 42 21.68 10.29 45.01
C ARG A 42 20.20 9.91 44.90
N LEU A 43 19.87 8.65 45.20
CA LEU A 43 18.47 8.22 45.09
C LEU A 43 17.57 9.02 46.00
N GLY A 44 18.06 9.39 47.18
CA GLY A 44 17.23 10.12 48.12
C GLY A 44 17.20 11.61 47.95
N SER A 45 17.91 12.16 46.97
N SER A 45 17.90 12.15 46.95
CA SER A 45 18.05 13.60 46.82
CA SER A 45 18.05 13.61 46.81
C SER A 45 16.78 14.20 46.24
C SER A 45 16.80 14.22 46.22
N LEU A 46 16.17 15.15 46.96
CA LEU A 46 15.01 15.83 46.42
C LEU A 46 15.40 17.04 45.57
N HIS A 47 16.58 17.65 45.81
CA HIS A 47 16.93 18.82 45.04
C HIS A 47 17.24 18.46 43.58
N THR A 48 17.78 17.29 43.33
CA THR A 48 18.18 16.96 41.96
C THR A 48 16.98 16.96 40.99
N PRO A 49 15.89 16.22 41.24
CA PRO A 49 14.75 16.32 40.33
C PRO A 49 14.15 17.70 40.29
N MET A 50 14.16 18.44 41.41
CA MET A 50 13.64 19.80 41.34
C MET A 50 14.53 20.73 40.52
N VAL A 51 15.84 20.47 40.50
CA VAL A 51 16.74 21.23 39.62
C VAL A 51 16.44 20.93 38.16
N VAL A 52 16.22 19.66 37.83
CA VAL A 52 15.85 19.31 36.45
C VAL A 52 14.55 20.01 36.07
N ARG A 53 13.54 19.93 36.95
CA ARG A 53 12.23 20.53 36.62
C ARG A 53 12.30 22.04 36.57
N THR A 54 13.11 22.65 37.44
CA THR A 54 13.31 24.09 37.36
C THR A 54 13.94 24.47 36.02
N ALA A 55 14.98 23.74 35.59
CA ALA A 55 15.58 24.03 34.28
C ALA A 55 14.57 23.88 33.16
N ALA A 56 13.74 22.84 33.22
CA ALA A 56 12.72 22.65 32.20
C ALA A 56 11.72 23.80 32.21
N THR A 57 11.28 24.20 33.40
CA THR A 57 10.27 25.26 33.52
C THR A 57 10.82 26.60 33.05
N LEU A 58 12.09 26.88 33.33
CA LEU A 58 12.71 28.11 32.86
C LEU A 58 13.12 28.04 31.40
N ARG A 59 12.93 26.90 30.71
CA ARG A 59 13.34 26.76 29.30
C ARG A 59 14.82 27.03 29.11
N LEU A 60 15.61 26.68 30.13
CA LEU A 60 17.03 27.05 30.15
C LEU A 60 17.75 26.49 28.94
N VAL A 61 17.52 25.21 28.64
CA VAL A 61 18.24 24.59 27.52
C VAL A 61 17.89 25.27 26.21
N ASP A 62 16.61 25.60 25.99
CA ASP A 62 16.23 26.34 24.78
C ASP A 62 17.00 27.66 24.69
N HIS A 63 17.05 28.41 25.80
CA HIS A 63 17.72 29.71 25.77
C HIS A 63 19.20 29.56 25.49
N ILE A 64 19.81 28.50 26.04
CA ILE A 64 21.23 28.27 25.77
C ILE A 64 21.44 27.98 24.28
N LEU A 65 20.61 27.10 23.73
CA LEU A 65 20.75 26.77 22.31
C LEU A 65 20.51 27.97 21.43
N ALA A 66 19.65 28.89 21.85
CA ALA A 66 19.43 30.11 21.07
C ALA A 66 20.57 31.14 21.23
N GLY A 67 21.57 30.86 22.05
CA GLY A 67 22.75 31.70 22.08
C GLY A 67 23.14 32.27 23.44
N ALA A 68 22.32 32.07 24.47
CA ALA A 68 22.63 32.62 25.79
C ALA A 68 23.42 31.58 26.58
N ARG A 69 24.75 31.63 26.48
CA ARG A 69 25.60 30.61 27.09
C ARG A 69 26.22 31.03 28.43
N THR A 70 26.21 32.31 28.76
CA THR A 70 26.77 32.79 30.01
C THR A 70 25.67 32.95 31.04
N VAL A 71 26.08 32.92 32.31
CA VAL A 71 25.13 33.19 33.39
C VAL A 71 24.49 34.56 33.18
N LYS A 72 25.29 35.58 32.85
CA LYS A 72 24.71 36.92 32.75
C LYS A 72 23.69 37.03 31.61
N ALA A 73 23.94 36.38 30.46
CA ALA A 73 22.93 36.41 29.39
C ALA A 73 21.70 35.59 29.77
N LEU A 74 21.91 34.42 30.37
CA LEU A 74 20.77 33.57 30.69
C LEU A 74 19.91 34.15 31.80
N ALA A 75 20.54 34.86 32.74
CA ALA A 75 19.77 35.50 33.81
C ALA A 75 18.84 36.57 33.23
N ALA A 76 19.32 37.34 32.26
CA ALA A 76 18.49 38.36 31.62
C ALA A 76 17.38 37.73 30.80
N ARG A 77 17.65 36.58 30.15
CA ARG A 77 16.64 35.94 29.35
C ARG A 77 15.56 35.29 30.20
N THR A 78 15.90 34.82 31.40
CA THR A 78 14.95 34.17 32.30
C THR A 78 14.48 35.08 33.43
N ASP A 79 15.01 36.29 33.53
CA ASP A 79 14.87 37.19 34.67
C ASP A 79 15.04 36.49 36.01
N THR A 80 16.14 35.75 36.13
CA THR A 80 16.51 35.19 37.42
C THR A 80 17.65 36.02 37.97
N ARG A 81 17.92 35.83 39.24
CA ARG A 81 19.05 36.51 39.85
C ARG A 81 20.36 35.82 39.45
N PRO A 82 21.36 36.55 38.93
CA PRO A 82 22.54 35.88 38.36
C PRO A 82 23.26 34.88 39.26
N GLU A 83 23.55 35.24 40.52
N GLU A 83 23.55 35.23 40.52
CA GLU A 83 24.27 34.30 41.37
CA GLU A 83 24.29 34.29 41.35
C GLU A 83 23.43 33.07 41.70
C GLU A 83 23.44 33.09 41.73
N ALA A 84 22.12 33.25 41.89
CA ALA A 84 21.26 32.10 42.14
C ALA A 84 21.17 31.21 40.90
N LEU A 85 21.12 31.80 39.71
CA LEU A 85 21.12 30.99 38.49
C LEU A 85 22.42 30.21 38.32
N LEU A 86 23.56 30.85 38.64
CA LEU A 86 24.84 30.13 38.62
C LEU A 86 24.79 28.92 39.54
N ARG A 87 24.18 29.07 40.71
CA ARG A 87 24.11 27.95 41.65
C ARG A 87 23.23 26.81 41.11
N LEU A 88 22.18 27.15 40.37
CA LEU A 88 21.40 26.12 39.69
C LEU A 88 22.23 25.44 38.60
N ILE A 89 22.91 26.24 37.78
CA ILE A 89 23.74 25.72 36.70
C ILE A 89 24.84 24.81 37.24
N ARG A 90 25.42 25.17 38.39
CA ARG A 90 26.45 24.33 38.98
C ARG A 90 25.94 22.91 39.20
N HIS A 91 24.73 22.75 39.74
CA HIS A 91 24.19 21.41 39.93
C HIS A 91 23.86 20.74 38.61
N LEU A 92 23.34 21.51 37.65
CA LEU A 92 23.11 20.96 36.30
C LEU A 92 24.39 20.43 35.66
N VAL A 93 25.53 21.09 35.91
CA VAL A 93 26.80 20.56 35.45
C VAL A 93 27.18 19.30 36.24
N ALA A 94 27.02 19.36 37.57
CA ALA A 94 27.40 18.24 38.42
C ALA A 94 26.68 16.95 38.03
N ILE A 95 25.41 17.06 37.64
CA ILE A 95 24.66 15.85 37.29
C ILE A 95 24.74 15.53 35.81
N GLY A 96 25.45 16.32 35.02
CA GLY A 96 25.71 15.96 33.64
C GLY A 96 24.67 16.41 32.63
N LEU A 97 23.87 17.42 32.93
CA LEU A 97 22.96 18.00 31.95
C LEU A 97 23.59 19.15 31.18
N LEU A 98 24.53 19.86 31.80
CA LEU A 98 25.27 20.92 31.16
C LEU A 98 26.75 20.68 31.35
N GLU A 99 27.56 21.31 30.51
CA GLU A 99 29.00 21.28 30.71
C GLU A 99 29.56 22.66 30.40
N GLU A 100 30.67 23.00 31.06
CA GLU A 100 31.32 24.29 30.88
C GLU A 100 32.28 24.16 29.71
N ASP A 101 31.91 24.75 28.58
CA ASP A 101 32.64 24.70 27.31
C ASP A 101 33.89 25.58 27.41
N ALA A 102 33.69 26.88 27.45
CA ALA A 102 34.71 27.88 27.73
C ALA A 102 34.51 28.42 29.14
N PRO A 103 35.48 29.17 29.67
CA PRO A 103 35.27 29.76 31.01
C PRO A 103 33.99 30.57 31.04
N GLY A 104 33.07 30.18 31.92
CA GLY A 104 31.82 30.89 32.07
C GLY A 104 30.80 30.68 30.97
N GLU A 105 31.02 29.77 30.04
CA GLU A 105 30.05 29.46 28.99
C GLU A 105 29.61 28.01 29.11
N PHE A 106 28.29 27.79 29.10
CA PHE A 106 27.71 26.47 29.35
C PHE A 106 26.92 26.01 28.14
N VAL A 107 26.96 24.71 27.87
CA VAL A 107 26.19 24.10 26.78
C VAL A 107 25.57 22.81 27.27
N PRO A 108 24.45 22.40 26.67
CA PRO A 108 23.82 21.15 27.09
C PRO A 108 24.65 19.95 26.66
N THR A 109 24.64 18.91 27.51
CA THR A 109 25.21 17.62 27.12
C THR A 109 24.19 16.88 26.27
N GLU A 110 24.53 15.64 25.87
CA GLU A 110 23.55 14.81 25.17
C GLU A 110 22.33 14.55 26.05
N VAL A 111 22.53 14.44 27.37
CA VAL A 111 21.40 14.29 28.27
C VAL A 111 20.62 15.60 28.37
N GLY A 112 21.32 16.72 28.54
CA GLY A 112 20.65 18.01 28.65
C GLY A 112 19.85 18.40 27.42
N GLU A 113 20.32 18.03 26.23
CA GLU A 113 19.62 18.35 24.99
C GLU A 113 18.19 17.83 24.97
N LEU A 114 17.90 16.79 25.74
CA LEU A 114 16.55 16.26 25.83
C LEU A 114 15.56 17.23 26.45
N LEU A 115 16.03 18.32 27.05
CA LEU A 115 15.13 19.34 27.56
C LEU A 115 14.82 20.40 26.52
N ALA A 116 15.37 20.28 25.31
CA ALA A 116 14.95 21.21 24.25
C ALA A 116 13.46 21.00 23.98
N ASP A 117 12.75 22.11 23.74
CA ASP A 117 11.29 22.05 23.71
C ASP A 117 10.79 21.15 22.59
N ASP A 118 11.48 21.08 21.46
CA ASP A 118 10.95 20.28 20.36
C ASP A 118 11.56 18.88 20.26
N HIS A 119 12.31 18.44 21.27
CA HIS A 119 12.83 17.08 21.20
C HIS A 119 11.67 16.08 21.24
N PRO A 120 11.70 15.02 20.42
CA PRO A 120 10.49 14.18 20.27
C PRO A 120 10.03 13.48 21.53
N ALA A 121 10.88 13.31 22.54
CA ALA A 121 10.45 12.64 23.77
C ALA A 121 9.71 13.56 24.72
N ALA A 122 9.67 14.87 24.42
CA ALA A 122 8.79 15.84 25.08
C ALA A 122 9.12 15.98 26.55
N GLN A 123 10.37 15.69 26.91
CA GLN A 123 10.72 15.68 28.32
C GLN A 123 10.71 17.07 28.94
N ARG A 124 10.86 18.14 28.15
CA ARG A 124 10.74 19.46 28.76
C ARG A 124 9.33 19.67 29.31
N ALA A 125 8.31 19.41 28.48
CA ALA A 125 6.93 19.63 28.92
C ALA A 125 6.57 18.71 30.08
N TRP A 126 7.06 17.48 30.06
CA TRP A 126 6.76 16.53 31.13
C TRP A 126 7.47 16.86 32.43
N HIS A 127 8.43 17.79 32.41
CA HIS A 127 9.09 18.26 33.63
C HIS A 127 8.75 19.70 33.94
N ASP A 128 7.83 20.31 33.20
CA ASP A 128 7.50 21.72 33.38
C ASP A 128 6.48 21.84 34.51
N LEU A 129 6.88 22.57 35.56
CA LEU A 129 6.09 22.67 36.79
C LEU A 129 4.79 23.44 36.61
N THR A 130 4.65 24.19 35.52
CA THR A 130 3.39 24.87 35.24
C THR A 130 2.45 24.00 34.43
N GLN A 131 2.91 22.85 33.96
CA GLN A 131 2.04 21.96 33.19
C GLN A 131 1.55 20.83 34.09
N ALA A 132 0.55 20.08 33.60
CA ALA A 132 -0.32 19.39 34.56
C ALA A 132 0.39 18.25 35.30
N VAL A 133 1.32 17.55 34.66
CA VAL A 133 1.86 16.33 35.27
C VAL A 133 2.94 16.67 36.30
N ALA A 134 3.91 17.51 35.92
CA ALA A 134 4.93 17.84 36.92
C ALA A 134 4.31 18.62 38.07
N ARG A 135 3.28 19.43 37.80
CA ARG A 135 2.53 20.05 38.88
C ARG A 135 1.89 18.99 39.77
N ALA A 136 1.23 17.99 39.17
CA ALA A 136 0.61 16.94 39.97
C ALA A 136 1.66 16.12 40.73
N ASP A 137 2.90 16.04 40.22
CA ASP A 137 3.94 15.27 40.93
C ASP A 137 4.25 15.85 42.32
N ILE A 138 3.88 17.10 42.59
CA ILE A 138 4.10 17.62 43.95
C ILE A 138 3.32 16.79 44.98
N SER A 139 2.29 16.04 44.52
CA SER A 139 1.58 15.09 45.40
C SER A 139 2.52 14.10 46.08
N PHE A 140 3.64 13.78 45.46
CA PHE A 140 4.58 12.82 46.04
C PHE A 140 5.21 13.33 47.34
N THR A 141 5.15 14.65 47.61
CA THR A 141 5.66 15.16 48.89
C THR A 141 4.87 14.63 50.08
N ARG A 142 3.67 14.07 49.84
CA ARG A 142 2.87 13.48 50.90
C ARG A 142 2.71 11.97 50.68
N LEU A 143 3.70 11.35 50.03
CA LEU A 143 3.64 9.91 49.79
C LEU A 143 3.40 9.07 51.04
N PRO A 144 3.97 9.38 52.22
CA PRO A 144 3.61 8.56 53.39
C PRO A 144 2.12 8.48 53.64
N ASP A 145 1.37 9.57 53.43
CA ASP A 145 -0.08 9.53 53.62
C ASP A 145 -0.72 8.56 52.64
N ALA A 146 -0.26 8.56 51.40
CA ALA A 146 -0.85 7.69 50.38
C ALA A 146 -0.55 6.21 50.65
N ILE A 147 0.62 5.91 51.22
CA ILE A 147 0.92 4.51 51.56
C ILE A 147 0.07 4.06 52.75
N ARG A 148 -0.18 4.98 53.68
N ARG A 148 -0.18 4.97 53.70
CA ARG A 148 -1.02 4.64 54.83
CA ARG A 148 -1.03 4.60 54.82
C ARG A 148 -2.48 4.41 54.42
C ARG A 148 -2.48 4.38 54.39
N THR A 149 -2.99 5.22 53.50
CA THR A 149 -4.41 5.23 53.20
C THR A 149 -4.78 4.58 51.88
N GLY A 150 -3.82 4.41 50.98
CA GLY A 150 -4.15 4.01 49.62
C GLY A 150 -4.92 5.05 48.83
N ARG A 151 -4.92 6.32 49.29
CA ARG A 151 -5.73 7.36 48.69
C ARG A 151 -4.86 8.50 48.18
N PRO A 152 -5.32 9.24 47.17
CA PRO A 152 -4.48 10.29 46.57
C PRO A 152 -4.27 11.47 47.51
N THR A 153 -3.15 12.16 47.30
CA THR A 153 -2.80 13.34 48.08
C THR A 153 -2.96 14.63 47.29
N TYR A 154 -3.29 14.52 46.02
CA TYR A 154 -3.41 15.69 45.13
C TYR A 154 -4.37 16.72 45.71
N GLU A 155 -5.54 16.28 46.15
CA GLU A 155 -6.54 17.24 46.65
C GLU A 155 -6.02 17.98 47.88
N SER A 156 -5.25 17.29 48.72
CA SER A 156 -4.72 17.96 49.91
C SER A 156 -3.74 19.07 49.56
N ILE A 157 -3.12 19.01 48.39
CA ILE A 157 -2.22 20.07 47.93
C ILE A 157 -2.96 21.14 47.16
N TYR A 158 -3.81 20.76 46.21
CA TYR A 158 -4.39 21.71 45.25
C TYR A 158 -5.85 22.04 45.51
N GLY A 159 -6.52 21.35 46.43
CA GLY A 159 -7.83 21.75 46.89
C GLY A 159 -9.01 21.02 46.27
N LYS A 160 -8.81 20.28 45.18
CA LYS A 160 -9.84 19.47 44.54
C LYS A 160 -9.18 18.20 44.03
N PRO A 161 -9.95 17.12 43.89
CA PRO A 161 -9.41 15.92 43.25
C PRO A 161 -9.04 16.21 41.81
N PHE A 162 -8.15 15.38 41.29
CA PHE A 162 -7.46 15.60 40.00
C PHE A 162 -8.35 16.10 38.86
N TYR A 163 -9.37 15.32 38.46
CA TYR A 163 -10.16 15.75 37.32
C TYR A 163 -11.09 16.92 37.65
N GLU A 164 -11.50 17.06 38.91
CA GLU A 164 -12.25 18.27 39.26
C GLU A 164 -11.36 19.50 39.23
N ASP A 165 -10.10 19.35 39.62
CA ASP A 165 -9.15 20.47 39.52
C ASP A 165 -8.95 20.86 38.07
N LEU A 166 -8.74 19.86 37.19
CA LEU A 166 -8.64 20.13 35.76
C LEU A 166 -9.92 20.79 35.25
N ALA A 167 -11.09 20.36 35.76
CA ALA A 167 -12.35 20.95 35.29
C ALA A 167 -12.43 22.43 35.65
N GLY A 168 -11.90 22.81 36.80
CA GLY A 168 -11.90 24.21 37.18
C GLY A 168 -10.76 25.05 36.65
N ARG A 169 -9.78 24.41 36.00
CA ARG A 169 -8.61 25.09 35.43
C ARG A 169 -8.47 24.63 33.99
N PRO A 170 -9.24 25.22 33.06
CA PRO A 170 -9.19 24.81 31.66
C PRO A 170 -7.82 24.84 31.06
N ASP A 171 -6.93 25.72 31.57
CA ASP A 171 -5.55 25.73 31.07
C ASP A 171 -4.81 24.46 31.47
N LEU A 172 -5.07 23.94 32.67
CA LEU A 172 -4.44 22.69 33.08
C LEU A 172 -5.09 21.50 32.38
N ARG A 173 -6.40 21.56 32.19
CA ARG A 173 -7.09 20.55 31.40
C ARG A 173 -6.44 20.41 30.02
N ALA A 174 -6.19 21.55 29.36
CA ALA A 174 -5.60 21.55 28.03
C ALA A 174 -4.16 21.06 28.05
N SER A 175 -3.41 21.45 29.07
CA SER A 175 -2.04 20.97 29.22
C SER A 175 -2.00 19.45 29.39
N PHE A 176 -2.81 18.90 30.30
CA PHE A 176 -2.90 17.44 30.45
C PHE A 176 -3.26 16.77 29.12
N ASP A 177 -4.30 17.26 28.44
CA ASP A 177 -4.74 16.63 27.19
C ASP A 177 -3.63 16.65 26.14
N SER A 178 -2.87 17.74 26.06
CA SER A 178 -1.79 17.79 25.07
C SER A 178 -0.58 16.96 25.46
N LEU A 179 -0.29 16.80 26.76
CA LEU A 179 0.78 15.90 27.18
C LEU A 179 0.50 14.46 26.75
N LEU A 180 -0.74 14.00 26.97
CA LEU A 180 -1.06 12.64 26.59
C LEU A 180 -1.16 12.47 25.08
N ALA A 181 -1.62 13.51 24.37
CA ALA A 181 -1.97 13.41 22.96
C ALA A 181 -0.84 13.85 22.03
N CYS A 182 0.38 13.98 22.57
CA CYS A 182 1.43 14.65 21.81
C CYS A 182 1.65 13.98 20.46
N ASP A 183 1.91 12.68 20.46
CA ASP A 183 2.17 11.93 19.24
C ASP A 183 0.90 11.36 18.62
N GLN A 184 -0.28 11.89 18.99
CA GLN A 184 -1.54 11.26 18.63
C GLN A 184 -1.75 11.15 17.13
N ASP A 185 -0.98 11.88 16.32
CA ASP A 185 -1.02 11.64 14.88
C ASP A 185 -0.53 10.24 14.52
N VAL A 186 0.31 9.64 15.37
CA VAL A 186 0.94 8.36 15.06
C VAL A 186 1.05 7.46 16.30
N ALA A 187 0.88 8.01 17.50
CA ALA A 187 1.00 7.20 18.70
C ALA A 187 -0.04 6.09 18.79
N PHE A 188 -1.20 6.27 18.18
CA PHE A 188 -2.27 5.28 18.23
C PHE A 188 -2.30 4.40 17.02
N ASP A 189 -1.35 4.58 16.10
CA ASP A 189 -1.32 3.75 14.90
C ASP A 189 -1.07 2.29 15.25
N ALA A 190 -0.16 2.03 16.19
CA ALA A 190 0.16 0.65 16.52
C ALA A 190 -1.01 -0.08 17.17
N PRO A 191 -1.66 0.44 18.20
CA PRO A 191 -2.85 -0.27 18.72
C PRO A 191 -3.98 -0.35 17.71
N ALA A 192 -4.18 0.67 16.87
CA ALA A 192 -5.22 0.55 15.84
C ALA A 192 -4.87 -0.54 14.84
N ALA A 193 -3.58 -0.69 14.51
CA ALA A 193 -3.16 -1.72 13.58
C ALA A 193 -3.17 -3.11 14.21
N ALA A 194 -3.18 -3.18 15.54
CA ALA A 194 -3.11 -4.44 16.25
C ALA A 194 -4.46 -5.13 16.39
N TYR A 195 -5.52 -4.57 15.83
CA TYR A 195 -6.85 -5.16 15.95
C TYR A 195 -7.48 -5.31 14.58
N ASP A 196 -8.28 -6.34 14.42
CA ASP A 196 -8.99 -6.64 13.17
C ASP A 196 -10.38 -6.00 13.24
N TRP A 197 -10.60 -4.97 12.43
CA TRP A 197 -11.83 -4.19 12.47
C TRP A 197 -12.89 -4.69 11.48
N THR A 198 -12.67 -5.83 10.84
CA THR A 198 -13.56 -6.27 9.76
C THR A 198 -15.01 -6.40 10.23
N ASN A 199 -15.25 -6.94 11.42
CA ASN A 199 -16.61 -7.14 11.89
C ASN A 199 -17.07 -6.06 12.85
N VAL A 200 -16.35 -4.93 12.90
CA VAL A 200 -16.72 -3.80 13.74
C VAL A 200 -17.46 -2.79 12.87
N ARG A 201 -18.65 -2.39 13.31
CA ARG A 201 -19.38 -1.30 12.66
C ARG A 201 -19.25 0.00 13.43
N HIS A 202 -19.43 -0.04 14.73
N HIS A 202 -19.38 -0.06 14.75
CA HIS A 202 -19.28 1.16 15.53
CA HIS A 202 -19.35 1.12 15.61
C HIS A 202 -18.31 0.91 16.67
C HIS A 202 -18.33 0.91 16.71
N VAL A 203 -17.52 1.94 16.96
CA VAL A 203 -16.52 1.95 18.02
C VAL A 203 -16.92 3.05 18.99
N LEU A 204 -16.83 2.76 20.28
CA LEU A 204 -16.99 3.78 21.32
C LEU A 204 -15.69 3.89 22.10
N ASP A 205 -15.05 5.06 22.06
CA ASP A 205 -13.81 5.28 22.82
C ASP A 205 -14.16 6.01 24.12
N VAL A 206 -14.14 5.28 25.23
CA VAL A 206 -14.62 5.78 26.51
C VAL A 206 -13.47 6.52 27.20
N GLY A 207 -13.64 7.81 27.48
CA GLY A 207 -12.50 8.57 27.98
C GLY A 207 -11.45 8.74 26.90
N GLY A 208 -11.87 9.02 25.68
CA GLY A 208 -10.99 8.99 24.51
C GLY A 208 -10.11 10.20 24.25
N GLY A 209 -9.94 11.09 25.23
CA GLY A 209 -8.99 12.18 25.06
C GLY A 209 -9.37 13.10 23.91
N LYS A 210 -8.38 13.50 23.12
CA LYS A 210 -8.64 14.37 21.97
C LYS A 210 -9.11 13.61 20.74
N GLY A 211 -9.41 12.33 20.85
CA GLY A 211 -9.90 11.58 19.70
C GLY A 211 -8.83 10.95 18.85
N GLY A 212 -7.58 10.99 19.28
CA GLY A 212 -6.50 10.43 18.48
C GLY A 212 -6.67 8.95 18.20
N PHE A 213 -7.12 8.18 19.19
CA PHE A 213 -7.27 6.74 19.00
C PHE A 213 -8.44 6.46 18.06
N ALA A 214 -9.58 7.13 18.28
CA ALA A 214 -10.71 6.99 17.36
C ALA A 214 -10.30 7.37 15.93
N ALA A 215 -9.52 8.44 15.79
CA ALA A 215 -9.10 8.88 14.45
C ALA A 215 -8.21 7.85 13.78
N ALA A 216 -7.25 7.27 14.52
CA ALA A 216 -6.39 6.24 13.95
C ALA A 216 -7.20 5.03 13.50
N ILE A 217 -8.22 4.65 14.26
CA ILE A 217 -9.08 3.55 13.84
C ILE A 217 -9.86 3.93 12.58
N ALA A 218 -10.39 5.16 12.54
CA ALA A 218 -11.17 5.57 11.38
C ALA A 218 -10.34 5.57 10.10
N ARG A 219 -9.07 5.99 10.19
N ARG A 219 -9.07 5.95 10.19
CA ARG A 219 -8.21 5.96 9.01
CA ARG A 219 -8.21 5.96 9.00
C ARG A 219 -7.96 4.53 8.54
C ARG A 219 -7.90 4.56 8.53
N ARG A 220 -7.68 3.62 9.46
CA ARG A 220 -7.32 2.26 9.11
C ARG A 220 -8.53 1.41 8.69
N ALA A 221 -9.71 1.74 9.20
CA ALA A 221 -10.91 0.96 8.94
C ALA A 221 -12.00 1.92 8.47
N PRO A 222 -11.96 2.31 7.20
CA PRO A 222 -12.86 3.37 6.71
C PRO A 222 -14.35 3.07 6.88
N HIS A 223 -14.75 1.80 7.02
CA HIS A 223 -16.16 1.47 7.21
C HIS A 223 -16.64 1.73 8.62
N VAL A 224 -15.73 2.00 9.54
CA VAL A 224 -16.08 2.12 10.94
C VAL A 224 -16.62 3.52 11.22
N SER A 225 -17.62 3.63 12.09
CA SER A 225 -17.96 4.92 12.65
C SER A 225 -17.63 4.90 14.14
N ALA A 226 -17.24 6.04 14.67
CA ALA A 226 -16.75 6.05 16.04
C ALA A 226 -17.35 7.21 16.81
N THR A 227 -17.45 7.02 18.12
CA THR A 227 -17.90 8.03 19.06
C THR A 227 -16.87 8.17 20.18
N VAL A 228 -16.49 9.40 20.50
CA VAL A 228 -15.61 9.69 21.64
C VAL A 228 -16.48 10.19 22.78
N LEU A 229 -16.39 9.53 23.94
CA LEU A 229 -17.05 10.00 25.16
C LEU A 229 -16.00 10.68 26.04
N GLU A 230 -16.22 11.94 26.40
CA GLU A 230 -15.21 12.68 27.14
C GLU A 230 -15.87 13.71 28.04
N MET A 231 -15.04 14.37 28.86
CA MET A 231 -15.48 15.40 29.79
C MET A 231 -15.52 16.77 29.12
N ALA A 232 -16.15 17.72 29.82
CA ALA A 232 -16.17 19.10 29.34
C ALA A 232 -14.76 19.61 29.09
N GLY A 233 -14.65 20.51 28.12
CA GLY A 233 -13.36 21.05 27.75
C GLY A 233 -12.68 20.15 26.75
N THR A 234 -12.39 18.92 27.19
CA THR A 234 -11.74 17.96 26.32
C THR A 234 -12.58 17.68 25.07
N VAL A 235 -13.91 17.68 25.22
CA VAL A 235 -14.76 17.40 24.06
C VAL A 235 -14.56 18.45 22.97
N ASP A 236 -14.26 19.70 23.37
CA ASP A 236 -14.11 20.75 22.37
C ASP A 236 -12.81 20.60 21.60
N THR A 237 -11.72 20.27 22.29
CA THR A 237 -10.48 20.09 21.52
C THR A 237 -10.50 18.78 20.75
N ALA A 238 -11.24 17.77 21.24
CA ALA A 238 -11.46 16.57 20.44
C ALA A 238 -12.23 16.92 19.16
N ARG A 239 -13.36 17.60 19.29
CA ARG A 239 -14.12 17.98 18.10
C ARG A 239 -13.26 18.83 17.17
N SER A 240 -12.51 19.77 17.73
CA SER A 240 -11.66 20.62 16.93
C SER A 240 -10.56 19.82 16.24
N TYR A 241 -9.97 18.84 16.95
CA TYR A 241 -8.98 17.97 16.31
C TYR A 241 -9.60 17.18 15.17
N LEU A 242 -10.76 16.58 15.42
CA LEU A 242 -11.36 15.75 14.39
C LEU A 242 -11.80 16.57 13.19
N LYS A 243 -12.20 17.83 13.41
CA LYS A 243 -12.51 18.72 12.30
C LYS A 243 -11.28 19.01 11.45
N ASP A 244 -10.15 19.31 12.09
CA ASP A 244 -8.91 19.53 11.36
C ASP A 244 -8.53 18.31 10.53
N GLU A 245 -8.82 17.12 11.05
CA GLU A 245 -8.49 15.87 10.37
C GLU A 245 -9.47 15.52 9.27
N GLY A 246 -10.55 16.29 9.11
CA GLY A 246 -11.56 15.95 8.13
C GLY A 246 -12.39 14.76 8.50
N LEU A 247 -12.59 14.51 9.81
CA LEU A 247 -13.22 13.28 10.26
C LEU A 247 -14.54 13.52 11.01
N SER A 248 -15.09 14.72 10.98
CA SER A 248 -16.29 15.02 11.76
C SER A 248 -17.47 14.13 11.37
N ASP A 249 -17.55 13.73 10.10
CA ASP A 249 -18.63 12.90 9.60
C ASP A 249 -18.52 11.45 10.03
N ARG A 250 -17.37 11.05 10.55
CA ARG A 250 -17.12 9.65 10.90
C ARG A 250 -16.85 9.44 12.36
N VAL A 251 -16.36 10.45 13.07
CA VAL A 251 -16.12 10.38 14.50
C VAL A 251 -16.85 11.53 15.16
N ASP A 252 -17.80 11.22 16.02
CA ASP A 252 -18.49 12.27 16.76
C ASP A 252 -18.04 12.23 18.21
N VAL A 253 -18.36 13.30 18.92
CA VAL A 253 -17.90 13.48 20.29
C VAL A 253 -19.10 13.76 21.17
N VAL A 254 -19.21 13.03 22.27
CA VAL A 254 -20.30 13.17 23.22
C VAL A 254 -19.72 13.55 24.57
N GLU A 255 -20.31 14.55 25.22
CA GLU A 255 -19.89 14.91 26.57
C GLU A 255 -20.68 14.04 27.54
N GLY A 256 -20.02 13.46 28.53
CA GLY A 256 -20.76 12.61 29.44
C GLY A 256 -19.88 12.01 30.51
N ASP A 257 -20.46 11.07 31.25
CA ASP A 257 -19.85 10.50 32.44
C ASP A 257 -19.88 8.98 32.29
N PHE A 258 -18.70 8.35 32.22
CA PHE A 258 -18.70 6.92 31.94
C PHE A 258 -19.08 6.05 33.15
N PHE A 259 -19.40 6.65 34.30
CA PHE A 259 -20.06 5.89 35.35
C PHE A 259 -21.57 5.77 35.15
N GLU A 260 -22.15 6.59 34.28
CA GLU A 260 -23.56 6.49 33.89
C GLU A 260 -23.70 5.55 32.69
N PRO A 261 -24.92 5.15 32.34
CA PRO A 261 -25.09 4.32 31.13
C PRO A 261 -24.41 4.97 29.94
N LEU A 262 -23.69 4.16 29.17
CA LEU A 262 -22.98 4.71 28.04
C LEU A 262 -23.97 5.15 26.95
N PRO A 263 -23.62 6.17 26.18
CA PRO A 263 -24.64 6.82 25.32
C PRO A 263 -25.08 5.97 24.13
N ARG A 264 -24.37 4.90 23.80
CA ARG A 264 -24.81 4.02 22.72
C ARG A 264 -24.05 2.70 22.85
N LYS A 265 -24.48 1.71 22.07
CA LYS A 265 -23.83 0.42 22.05
C LYS A 265 -22.73 0.41 21.00
N ALA A 266 -21.84 -0.59 21.09
CA ALA A 266 -20.74 -0.62 20.15
C ALA A 266 -20.24 -2.05 20.01
N ASP A 267 -19.63 -2.34 18.86
CA ASP A 267 -18.94 -3.61 18.64
C ASP A 267 -17.55 -3.63 19.27
N ALA A 268 -16.94 -2.47 19.48
CA ALA A 268 -15.64 -2.39 20.11
C ALA A 268 -15.67 -1.18 21.03
N ILE A 269 -15.33 -1.37 22.29
CA ILE A 269 -15.31 -0.27 23.25
C ILE A 269 -13.89 -0.14 23.74
N ILE A 270 -13.33 1.07 23.63
CA ILE A 270 -11.91 1.32 23.92
C ILE A 270 -11.79 1.93 25.30
N LEU A 271 -10.83 1.44 26.10
CA LEU A 271 -10.44 2.03 27.38
C LEU A 271 -8.92 2.20 27.32
N SER A 272 -8.48 3.36 26.86
CA SER A 272 -7.05 3.61 26.67
C SER A 272 -6.57 4.55 27.77
N PHE A 273 -5.72 4.03 28.66
CA PHE A 273 -5.22 4.78 29.81
C PHE A 273 -6.37 5.41 30.60
N VAL A 274 -7.41 4.62 30.82
CA VAL A 274 -8.54 5.04 31.63
C VAL A 274 -8.57 4.28 32.96
N LEU A 275 -8.57 2.95 32.91
CA LEU A 275 -8.82 2.17 34.12
C LEU A 275 -7.73 2.39 35.18
N LEU A 276 -6.49 2.62 34.76
CA LEU A 276 -5.44 2.90 35.75
C LEU A 276 -5.70 4.15 36.59
N ASN A 277 -6.61 5.04 36.15
CA ASN A 277 -6.96 6.22 36.94
C ASN A 277 -7.82 5.88 38.14
N TRP A 278 -8.24 4.62 38.30
CA TRP A 278 -9.32 4.28 39.22
C TRP A 278 -8.98 3.09 40.09
N PRO A 279 -9.37 3.10 41.36
CA PRO A 279 -9.19 1.93 42.21
C PRO A 279 -10.08 0.80 41.72
N ASP A 280 -9.82 -0.41 42.24
CA ASP A 280 -10.48 -1.62 41.73
C ASP A 280 -12.00 -1.48 41.61
N HIS A 281 -12.66 -0.96 42.65
CA HIS A 281 -14.13 -0.95 42.61
C HIS A 281 -14.66 -0.01 41.55
N ASP A 282 -13.99 1.12 41.32
CA ASP A 282 -14.39 2.03 40.25
C ASP A 282 -14.06 1.45 38.87
N ALA A 283 -12.90 0.81 38.74
CA ALA A 283 -12.56 0.18 37.46
C ALA A 283 -13.56 -0.92 37.09
N VAL A 284 -14.06 -1.66 38.08
CA VAL A 284 -15.10 -2.67 37.80
C VAL A 284 -16.38 -2.00 37.34
N ARG A 285 -16.76 -0.88 37.95
N ARG A 285 -16.75 -0.86 37.93
CA ARG A 285 -17.96 -0.16 37.50
CA ARG A 285 -17.96 -0.16 37.51
C ARG A 285 -17.83 0.26 36.04
C ARG A 285 -17.85 0.32 36.06
N ILE A 286 -16.69 0.87 35.68
CA ILE A 286 -16.48 1.30 34.29
C ILE A 286 -16.52 0.10 33.36
N LEU A 287 -15.78 -0.96 33.71
CA LEU A 287 -15.81 -2.17 32.89
C LEU A 287 -17.23 -2.70 32.75
N THR A 288 -18.02 -2.63 33.83
CA THR A 288 -19.40 -3.11 33.80
C THR A 288 -20.25 -2.30 32.84
N ARG A 289 -20.16 -0.97 32.92
CA ARG A 289 -20.82 -0.10 31.95
C ARG A 289 -20.44 -0.46 30.51
N CYS A 290 -19.15 -0.71 30.27
CA CYS A 290 -18.72 -1.12 28.93
C CYS A 290 -19.34 -2.46 28.53
N ALA A 291 -19.29 -3.45 29.41
CA ALA A 291 -19.88 -4.75 29.07
C ALA A 291 -21.36 -4.60 28.76
N GLU A 292 -22.08 -3.76 29.51
CA GLU A 292 -23.50 -3.55 29.29
C GLU A 292 -23.79 -2.89 27.95
N ALA A 293 -22.82 -2.22 27.35
CA ALA A 293 -23.01 -1.49 26.10
C ALA A 293 -22.49 -2.26 24.88
N LEU A 294 -21.94 -3.45 25.08
CA LEU A 294 -21.40 -4.22 23.96
C LEU A 294 -22.52 -4.84 23.14
N GLU A 295 -22.42 -4.64 21.82
CA GLU A 295 -23.22 -5.43 20.88
C GLU A 295 -22.84 -6.91 21.02
N PRO A 296 -23.72 -7.81 20.59
CA PRO A 296 -23.34 -9.23 20.52
C PRO A 296 -22.06 -9.41 19.71
N GLY A 297 -21.16 -10.24 20.23
CA GLY A 297 -19.88 -10.46 19.59
C GLY A 297 -18.87 -9.36 19.84
N GLY A 298 -19.23 -8.34 20.61
CA GLY A 298 -18.35 -7.21 20.81
C GLY A 298 -17.20 -7.50 21.73
N ARG A 299 -16.21 -6.59 21.74
CA ARG A 299 -15.04 -6.75 22.57
C ARG A 299 -14.73 -5.43 23.25
N ILE A 300 -14.14 -5.50 24.43
CA ILE A 300 -13.59 -4.33 25.11
C ILE A 300 -12.08 -4.35 24.94
N LEU A 301 -11.51 -3.21 24.53
CA LEU A 301 -10.08 -3.10 24.22
C LEU A 301 -9.43 -2.19 25.24
N ILE A 302 -8.48 -2.71 26.00
CA ILE A 302 -7.78 -1.95 27.05
C ILE A 302 -6.37 -1.68 26.57
N HIS A 303 -5.98 -0.41 26.55
CA HIS A 303 -4.66 0.01 26.09
C HIS A 303 -3.96 0.55 27.33
N GLU A 304 -3.01 -0.22 27.87
CA GLU A 304 -2.35 0.08 29.15
C GLU A 304 -1.13 -0.83 29.27
N ARG A 305 -0.51 -0.85 30.46
CA ARG A 305 0.50 -1.86 30.78
C ARG A 305 -0.15 -3.09 31.41
N ASP A 306 0.56 -4.22 31.33
CA ASP A 306 0.05 -5.44 31.94
C ASP A 306 1.19 -6.37 32.33
N ASP A 307 2.26 -5.81 32.91
CA ASP A 307 3.38 -6.64 33.35
C ASP A 307 2.89 -7.77 34.24
N LEU A 308 3.42 -8.98 34.02
CA LEU A 308 3.33 -9.99 35.07
C LEU A 308 3.91 -9.42 36.36
N HIS A 309 3.34 -9.84 37.50
CA HIS A 309 3.84 -9.33 38.77
C HIS A 309 5.36 -9.54 38.88
N GLU A 310 5.82 -10.72 38.49
CA GLU A 310 7.24 -11.08 38.51
C GLU A 310 8.08 -10.16 37.64
N ASN A 311 7.52 -9.59 36.58
CA ASN A 311 8.22 -8.67 35.68
C ASN A 311 7.96 -7.21 35.98
N SER A 312 7.20 -6.89 37.05
CA SER A 312 6.76 -5.51 37.28
C SER A 312 7.70 -4.69 38.15
N PHE A 313 8.75 -5.30 38.73
CA PHE A 313 9.67 -4.55 39.58
C PHE A 313 10.65 -3.74 38.73
N ASN A 314 10.11 -2.79 37.98
CA ASN A 314 10.93 -2.01 37.06
C ASN A 314 10.46 -0.56 37.12
N GLU A 315 11.34 0.35 36.71
CA GLU A 315 11.08 1.78 36.91
C GLU A 315 9.94 2.31 36.04
N GLN A 316 9.69 1.71 34.88
CA GLN A 316 8.58 2.18 34.04
C GLN A 316 7.25 1.89 34.70
N PHE A 317 7.07 0.65 35.15
CA PHE A 317 5.84 0.29 35.87
C PHE A 317 5.66 1.16 37.10
N THR A 318 6.70 1.31 37.92
CA THR A 318 6.47 1.94 39.22
C THR A 318 6.24 3.44 39.09
N GLU A 319 6.89 4.12 38.15
CA GLU A 319 6.62 5.55 38.02
C GLU A 319 5.17 5.80 37.69
N LEU A 320 4.63 5.05 36.73
CA LEU A 320 3.24 5.26 36.37
C LEU A 320 2.32 4.80 37.49
N ASP A 321 2.62 3.64 38.06
CA ASP A 321 1.78 3.11 39.14
C ASP A 321 1.74 4.09 40.33
N LEU A 322 2.90 4.60 40.73
CA LEU A 322 2.89 5.47 41.90
C LEU A 322 2.29 6.83 41.59
N ARG A 323 2.45 7.33 40.36
CA ARG A 323 1.72 8.54 40.00
C ARG A 323 0.21 8.32 40.11
N MET A 324 -0.28 7.18 39.61
CA MET A 324 -1.73 6.96 39.72
C MET A 324 -2.15 6.92 41.18
N LEU A 325 -1.32 6.36 42.06
CA LEU A 325 -1.67 6.35 43.48
C LEU A 325 -1.83 7.78 44.00
N VAL A 326 -0.80 8.63 43.85
CA VAL A 326 -0.86 9.92 44.54
C VAL A 326 -1.75 10.92 43.79
N PHE A 327 -1.84 10.83 42.44
CA PHE A 327 -2.71 11.76 41.70
C PHE A 327 -4.17 11.44 41.94
N LEU A 328 -4.50 10.14 41.95
CA LEU A 328 -5.85 9.68 41.69
C LEU A 328 -6.33 8.54 42.57
N GLY A 329 -5.46 7.83 43.28
CA GLY A 329 -5.90 6.61 43.93
C GLY A 329 -6.11 5.45 42.97
N GLY A 330 -5.61 5.59 41.74
CA GLY A 330 -5.66 4.51 40.75
C GLY A 330 -4.50 3.55 40.96
N ALA A 331 -4.26 2.73 39.94
CA ALA A 331 -3.27 1.66 40.05
C ALA A 331 -2.99 1.09 38.68
N LEU A 332 -1.73 0.77 38.39
CA LEU A 332 -1.46 -0.13 37.28
C LEU A 332 -1.80 -1.55 37.72
N ARG A 333 -2.26 -2.37 36.77
CA ARG A 333 -2.61 -3.74 37.10
C ARG A 333 -1.67 -4.71 36.42
N THR A 334 -1.16 -5.66 37.20
CA THR A 334 -0.36 -6.73 36.64
C THR A 334 -1.25 -7.67 35.84
N ARG A 335 -0.62 -8.55 35.06
N ARG A 335 -0.62 -8.55 35.06
CA ARG A 335 -1.39 -9.51 34.26
CA ARG A 335 -1.38 -9.50 34.26
C ARG A 335 -2.32 -10.31 35.15
C ARG A 335 -2.31 -10.32 35.14
N GLU A 336 -1.82 -10.77 36.30
CA GLU A 336 -2.64 -11.51 37.25
C GLU A 336 -3.87 -10.71 37.67
N LYS A 337 -3.69 -9.42 37.98
CA LYS A 337 -4.82 -8.60 38.42
C LYS A 337 -5.82 -8.38 37.29
N TRP A 338 -5.35 -8.25 36.04
CA TRP A 338 -6.28 -8.14 34.93
C TRP A 338 -7.18 -9.36 34.84
N ASP A 339 -6.61 -10.56 34.98
CA ASP A 339 -7.44 -11.77 35.03
C ASP A 339 -8.52 -11.64 36.10
N GLY A 340 -8.15 -11.14 37.28
CA GLY A 340 -9.12 -11.00 38.35
C GLY A 340 -10.14 -9.91 38.10
N LEU A 341 -9.69 -8.76 37.59
CA LEU A 341 -10.61 -7.66 37.31
C LEU A 341 -11.61 -8.04 36.23
N ALA A 342 -11.15 -8.67 35.15
CA ALA A 342 -12.05 -9.09 34.09
C ALA A 342 -13.16 -9.98 34.66
N ALA A 343 -12.77 -11.00 35.42
CA ALA A 343 -13.75 -11.93 36.00
C ALA A 343 -14.79 -11.19 36.83
N SER A 344 -14.35 -10.21 37.64
CA SER A 344 -15.27 -9.44 38.46
C SER A 344 -16.30 -8.69 37.61
N ALA A 345 -15.94 -8.34 36.37
CA ALA A 345 -16.83 -7.62 35.49
C ALA A 345 -17.58 -8.53 34.53
N GLY A 346 -17.43 -9.84 34.66
CA GLY A 346 -18.11 -10.76 33.77
C GLY A 346 -17.40 -10.95 32.45
N LEU A 347 -16.08 -10.81 32.43
CA LEU A 347 -15.32 -10.81 31.20
C LEU A 347 -14.19 -11.81 31.32
N VAL A 348 -13.62 -12.16 30.17
CA VAL A 348 -12.41 -12.97 30.13
C VAL A 348 -11.40 -12.24 29.27
N VAL A 349 -10.13 -12.43 29.59
CA VAL A 349 -9.06 -11.92 28.74
C VAL A 349 -8.92 -12.89 27.59
N GLU A 350 -9.26 -12.43 26.39
CA GLU A 350 -9.17 -13.31 25.23
C GLU A 350 -7.77 -13.30 24.66
N GLU A 351 -7.12 -12.14 24.70
CA GLU A 351 -5.87 -11.96 24.00
C GLU A 351 -5.19 -10.73 24.55
N VAL A 352 -3.86 -10.76 24.57
CA VAL A 352 -3.06 -9.60 24.91
C VAL A 352 -2.02 -9.43 23.82
N ARG A 353 -2.04 -8.29 23.15
CA ARG A 353 -1.11 -8.00 22.08
C ARG A 353 -0.07 -7.00 22.56
N GLN A 354 1.21 -7.35 22.40
CA GLN A 354 2.29 -6.48 22.83
C GLN A 354 2.51 -5.40 21.77
N LEU A 355 2.62 -4.16 22.19
CA LEU A 355 2.65 -3.11 21.17
C LEU A 355 4.07 -2.59 21.01
N PRO A 356 4.59 -2.55 19.78
CA PRO A 356 5.98 -2.10 19.58
C PRO A 356 6.11 -0.61 19.82
N SER A 357 7.15 -0.25 20.57
CA SER A 357 7.57 1.15 20.71
C SER A 357 9.07 1.26 20.41
N PRO A 358 9.47 1.01 19.16
CA PRO A 358 10.89 1.11 18.80
C PRO A 358 11.41 2.55 18.80
N THR A 359 10.53 3.53 19.02
CA THR A 359 10.95 4.91 19.25
C THR A 359 11.77 4.97 20.54
N ILE A 360 11.07 4.96 21.67
CA ILE A 360 11.69 4.86 22.99
C ILE A 360 11.04 3.67 23.70
N PRO A 361 11.81 2.77 24.31
CA PRO A 361 11.21 1.56 24.90
C PRO A 361 10.24 1.87 26.04
N TYR A 362 8.95 1.87 25.74
CA TYR A 362 7.90 1.91 26.76
C TYR A 362 6.89 0.81 26.43
N ASP A 363 6.97 -0.29 27.15
CA ASP A 363 6.17 -1.47 26.85
C ASP A 363 4.69 -1.21 27.16
N LEU A 364 3.85 -1.35 26.14
CA LEU A 364 2.42 -1.22 26.28
C LEU A 364 1.74 -2.42 25.63
N SER A 365 0.49 -2.64 26.01
CA SER A 365 -0.26 -3.78 25.52
C SER A 365 -1.66 -3.37 25.12
N LEU A 366 -2.28 -4.18 24.28
CA LEU A 366 -3.69 -4.10 23.97
C LEU A 366 -4.33 -5.37 24.52
N LEU A 367 -5.12 -5.26 25.58
CA LEU A 367 -5.83 -6.41 26.12
C LEU A 367 -7.21 -6.46 25.50
N VAL A 368 -7.60 -7.64 25.03
CA VAL A 368 -8.90 -7.82 24.39
C VAL A 368 -9.76 -8.65 25.34
N LEU A 369 -10.84 -8.06 25.83
CA LEU A 369 -11.76 -8.69 26.76
C LEU A 369 -13.06 -9.03 26.06
N ALA A 370 -13.57 -10.23 26.35
CA ALA A 370 -14.82 -10.73 25.81
C ALA A 370 -15.74 -11.09 26.96
N PRO A 371 -17.06 -11.14 26.72
CA PRO A 371 -17.97 -11.57 27.79
C PRO A 371 -17.66 -13.00 28.23
N ALA A 372 -17.79 -13.26 29.53
CA ALA A 372 -17.51 -14.59 30.06
C ALA A 372 -18.62 -15.55 29.64
N ALA A 373 -18.29 -16.84 29.61
CA ALA A 373 -19.22 -17.88 29.11
C ALA A 373 -20.56 -17.87 29.83
N GLN B 33 -2.06 -28.76 -12.49
CA GLN B 33 -2.86 -29.11 -13.65
C GLN B 33 -3.74 -27.92 -14.07
N ILE B 34 -5.01 -28.00 -13.69
CA ILE B 34 -5.90 -26.85 -13.79
C ILE B 34 -5.45 -25.75 -12.84
N ASP B 35 -4.93 -26.12 -11.67
CA ASP B 35 -4.48 -25.13 -10.70
C ASP B 35 -3.27 -24.37 -11.21
N ALA B 36 -2.31 -25.07 -11.84
CA ALA B 36 -1.14 -24.38 -12.40
C ALA B 36 -1.57 -23.37 -13.45
N LEU B 37 -2.45 -23.79 -14.37
CA LEU B 37 -2.94 -22.89 -15.40
C LEU B 37 -3.60 -21.66 -14.81
N ARG B 38 -4.44 -21.85 -13.79
CA ARG B 38 -5.08 -20.73 -13.11
C ARG B 38 -4.04 -19.78 -12.50
N THR B 39 -3.06 -20.33 -11.79
CA THR B 39 -2.05 -19.49 -11.17
C THR B 39 -1.28 -18.68 -12.21
N LEU B 40 -0.88 -19.31 -13.31
CA LEU B 40 -0.12 -18.61 -14.35
C LEU B 40 -0.96 -17.50 -14.96
N ILE B 41 -2.22 -17.79 -15.28
CA ILE B 41 -3.06 -16.77 -15.93
C ILE B 41 -3.25 -15.57 -15.00
N ARG B 42 -3.43 -15.82 -13.70
CA ARG B 42 -3.58 -14.70 -12.77
C ARG B 42 -2.30 -13.88 -12.69
N LEU B 43 -1.15 -14.55 -12.54
CA LEU B 43 0.12 -13.83 -12.50
C LEU B 43 0.35 -13.05 -13.78
N GLY B 44 -0.05 -13.60 -14.92
CA GLY B 44 0.23 -12.94 -16.17
C GLY B 44 -0.78 -11.90 -16.59
N SER B 45 -1.84 -11.67 -15.81
CA SER B 45 -2.95 -10.84 -16.26
C SER B 45 -2.59 -9.36 -16.17
N LEU B 46 -2.73 -8.65 -17.29
CA LEU B 46 -2.46 -7.21 -17.27
C LEU B 46 -3.71 -6.40 -16.94
N HIS B 47 -4.91 -6.94 -17.20
CA HIS B 47 -6.10 -6.16 -16.91
C HIS B 47 -6.29 -5.98 -15.41
N THR B 48 -5.92 -6.97 -14.60
CA THR B 48 -6.21 -6.87 -13.17
C THR B 48 -5.51 -5.68 -12.52
N PRO B 49 -4.19 -5.49 -12.66
CA PRO B 49 -3.59 -4.27 -12.08
C PRO B 49 -4.12 -2.99 -12.69
N MET B 50 -4.47 -2.98 -13.98
CA MET B 50 -5.02 -1.76 -14.55
C MET B 50 -6.43 -1.48 -14.02
N VAL B 51 -7.18 -2.53 -13.69
CA VAL B 51 -8.49 -2.32 -13.05
C VAL B 51 -8.30 -1.72 -11.65
N VAL B 52 -7.36 -2.25 -10.89
CA VAL B 52 -7.08 -1.69 -9.55
C VAL B 52 -6.68 -0.23 -9.69
N ARG B 53 -5.76 0.05 -10.63
CA ARG B 53 -5.26 1.42 -10.78
C ARG B 53 -6.36 2.34 -11.29
N THR B 54 -7.21 1.84 -12.18
CA THR B 54 -8.32 2.68 -12.65
C THR B 54 -9.27 3.01 -11.51
N ALA B 55 -9.54 2.03 -10.64
CA ALA B 55 -10.39 2.28 -9.49
C ALA B 55 -9.77 3.31 -8.56
N ALA B 56 -8.45 3.22 -8.34
CA ALA B 56 -7.78 4.19 -7.49
C ALA B 56 -7.86 5.58 -8.10
N THR B 57 -7.64 5.66 -9.40
CA THR B 57 -7.62 6.95 -10.10
C THR B 57 -8.99 7.60 -10.07
N LEU B 58 -10.05 6.80 -10.22
CA LEU B 58 -11.42 7.30 -10.14
C LEU B 58 -11.89 7.57 -8.72
N ARG B 59 -11.07 7.25 -7.71
CA ARG B 59 -11.45 7.41 -6.31
C ARG B 59 -12.75 6.67 -6.00
N LEU B 60 -12.94 5.54 -6.67
CA LEU B 60 -14.19 4.78 -6.57
C LEU B 60 -14.52 4.40 -5.14
N VAL B 61 -13.53 3.88 -4.40
CA VAL B 61 -13.80 3.44 -3.03
C VAL B 61 -14.21 4.62 -2.15
N ASP B 62 -13.55 5.78 -2.31
CA ASP B 62 -13.99 6.98 -1.60
C ASP B 62 -15.44 7.33 -1.92
N HIS B 63 -15.81 7.26 -3.19
CA HIS B 63 -17.17 7.63 -3.57
C HIS B 63 -18.19 6.65 -2.99
N ILE B 64 -17.85 5.36 -2.94
CA ILE B 64 -18.74 4.37 -2.33
C ILE B 64 -18.92 4.66 -0.85
N LEU B 65 -17.81 4.86 -0.12
CA LEU B 65 -17.89 5.17 1.31
C LEU B 65 -18.71 6.42 1.57
N ALA B 66 -18.70 7.38 0.65
CA ALA B 66 -19.48 8.60 0.81
C ALA B 66 -20.96 8.40 0.48
N GLY B 67 -21.37 7.24 -0.03
CA GLY B 67 -22.78 6.97 -0.23
C GLY B 67 -23.17 6.45 -1.61
N ALA B 68 -22.26 6.49 -2.58
CA ALA B 68 -22.59 6.09 -3.95
C ALA B 68 -22.34 4.59 -4.11
N ARG B 69 -23.35 3.78 -3.86
CA ARG B 69 -23.17 2.33 -3.87
C ARG B 69 -23.63 1.66 -5.15
N THR B 70 -24.42 2.34 -5.97
CA THR B 70 -24.93 1.79 -7.22
C THR B 70 -24.05 2.21 -8.40
N VAL B 71 -24.10 1.40 -9.46
CA VAL B 71 -23.39 1.76 -10.69
C VAL B 71 -23.83 3.12 -11.18
N LYS B 72 -25.15 3.38 -11.17
CA LYS B 72 -25.65 4.66 -11.68
C LYS B 72 -25.12 5.83 -10.87
N ALA B 73 -25.16 5.73 -9.53
CA ALA B 73 -24.63 6.82 -8.71
C ALA B 73 -23.14 6.99 -8.90
N LEU B 74 -22.38 5.89 -8.99
CA LEU B 74 -20.94 6.02 -9.13
C LEU B 74 -20.55 6.55 -10.50
N ALA B 75 -21.31 6.18 -11.54
CA ALA B 75 -21.04 6.68 -12.88
C ALA B 75 -21.30 8.19 -12.96
N ALA B 76 -22.34 8.66 -12.27
CA ALA B 76 -22.63 10.09 -12.26
C ALA B 76 -21.53 10.85 -11.53
N ARG B 77 -21.06 10.29 -10.40
CA ARG B 77 -20.05 10.97 -9.60
C ARG B 77 -18.69 10.99 -10.29
N THR B 78 -18.39 9.99 -11.11
CA THR B 78 -17.10 9.89 -11.78
C THR B 78 -17.15 10.29 -13.25
N ASP B 79 -18.32 10.66 -13.76
CA ASP B 79 -18.50 10.99 -15.18
C ASP B 79 -18.00 9.86 -16.08
N THR B 80 -18.41 8.63 -15.75
CA THR B 80 -18.07 7.48 -16.56
C THR B 80 -19.35 6.91 -17.17
N ARG B 81 -19.17 6.02 -18.12
CA ARG B 81 -20.32 5.40 -18.78
C ARG B 81 -20.84 4.25 -17.92
N PRO B 82 -22.12 4.25 -17.54
CA PRO B 82 -22.62 3.21 -16.62
C PRO B 82 -22.30 1.79 -17.05
N GLU B 83 -22.55 1.42 -18.32
CA GLU B 83 -22.32 0.04 -18.75
C GLU B 83 -20.85 -0.34 -18.62
N ALA B 84 -19.94 0.60 -18.84
CA ALA B 84 -18.51 0.28 -18.73
C ALA B 84 -18.07 0.24 -17.28
N LEU B 85 -18.59 1.14 -16.45
CA LEU B 85 -18.25 1.10 -15.03
C LEU B 85 -18.73 -0.18 -14.38
N LEU B 86 -19.92 -0.66 -14.75
CA LEU B 86 -20.36 -1.96 -14.25
C LEU B 86 -19.34 -3.04 -14.57
N ARG B 87 -18.80 -3.00 -15.78
CA ARG B 87 -17.85 -4.03 -16.19
C ARG B 87 -16.53 -3.92 -15.44
N LEU B 88 -16.13 -2.70 -15.09
CA LEU B 88 -14.99 -2.53 -14.19
C LEU B 88 -15.30 -3.08 -12.81
N ILE B 89 -16.47 -2.70 -12.28
CA ILE B 89 -16.88 -3.14 -10.94
C ILE B 89 -16.98 -4.66 -10.89
N ARG B 90 -17.43 -5.29 -11.98
CA ARG B 90 -17.55 -6.74 -12.00
C ARG B 90 -16.20 -7.39 -11.70
N HIS B 91 -15.13 -6.86 -12.30
CA HIS B 91 -13.81 -7.43 -12.04
C HIS B 91 -13.34 -7.10 -10.62
N LEU B 92 -13.60 -5.88 -10.15
CA LEU B 92 -13.27 -5.54 -8.76
C LEU B 92 -13.95 -6.49 -7.78
N VAL B 93 -15.17 -6.95 -8.10
CA VAL B 93 -15.80 -7.97 -7.26
C VAL B 93 -15.10 -9.32 -7.42
N ALA B 94 -14.81 -9.70 -8.67
CA ALA B 94 -14.21 -11.01 -8.94
C ALA B 94 -12.89 -11.19 -8.22
N ILE B 95 -12.09 -10.13 -8.10
CA ILE B 95 -10.79 -10.23 -7.45
C ILE B 95 -10.83 -9.88 -5.97
N GLY B 96 -12.00 -9.58 -5.42
CA GLY B 96 -12.14 -9.42 -3.99
C GLY B 96 -11.92 -8.02 -3.43
N LEU B 97 -11.96 -6.98 -4.27
CA LEU B 97 -11.86 -5.61 -3.77
C LEU B 97 -13.22 -5.01 -3.41
N LEU B 98 -14.28 -5.40 -4.12
CA LEU B 98 -15.65 -5.02 -3.78
C LEU B 98 -16.49 -6.27 -3.56
N GLU B 99 -17.62 -6.09 -2.88
CA GLU B 99 -18.62 -7.13 -2.82
C GLU B 99 -20.00 -6.51 -3.03
N GLU B 100 -20.90 -7.29 -3.60
CA GLU B 100 -22.27 -6.83 -3.80
C GLU B 100 -23.01 -7.13 -2.51
N ASP B 101 -23.28 -6.07 -1.75
CA ASP B 101 -23.95 -6.06 -0.46
C ASP B 101 -25.43 -6.41 -0.61
N ALA B 102 -26.16 -5.50 -1.21
CA ALA B 102 -27.55 -5.66 -1.58
C ALA B 102 -27.64 -5.67 -3.10
N PRO B 103 -28.75 -6.11 -3.68
CA PRO B 103 -28.82 -6.14 -5.15
C PRO B 103 -28.50 -4.76 -5.72
N GLY B 104 -27.54 -4.73 -6.63
CA GLY B 104 -27.13 -3.50 -7.28
C GLY B 104 -26.30 -2.55 -6.44
N GLU B 105 -25.90 -2.93 -5.22
CA GLU B 105 -25.16 -2.04 -4.34
C GLU B 105 -23.84 -2.67 -3.97
N PHE B 106 -22.76 -1.91 -4.06
CA PHE B 106 -21.42 -2.46 -3.87
C PHE B 106 -20.74 -1.75 -2.71
N VAL B 107 -19.91 -2.51 -2.00
CA VAL B 107 -19.14 -1.99 -0.86
C VAL B 107 -17.74 -2.58 -0.90
N PRO B 108 -16.77 -1.83 -0.40
CA PRO B 108 -15.40 -2.37 -0.38
C PRO B 108 -15.25 -3.50 0.63
N THR B 109 -14.43 -4.48 0.27
CA THR B 109 -14.01 -5.50 1.21
C THR B 109 -12.91 -4.94 2.11
N GLU B 110 -12.34 -5.79 2.97
CA GLU B 110 -11.18 -5.38 3.75
C GLU B 110 -10.01 -5.00 2.86
N VAL B 111 -9.85 -5.70 1.73
CA VAL B 111 -8.79 -5.35 0.79
C VAL B 111 -9.13 -4.04 0.07
N GLY B 112 -10.36 -3.94 -0.43
CA GLY B 112 -10.73 -2.73 -1.14
C GLY B 112 -10.68 -1.47 -0.29
N GLU B 113 -10.90 -1.59 1.02
CA GLU B 113 -10.85 -0.42 1.89
C GLU B 113 -9.50 0.28 1.86
N LEU B 114 -8.44 -0.43 1.47
CA LEU B 114 -7.12 0.18 1.38
C LEU B 114 -7.00 1.22 0.28
N LEU B 115 -8.00 1.33 -0.60
CA LEU B 115 -8.00 2.37 -1.62
C LEU B 115 -8.72 3.63 -1.15
N ALA B 116 -9.22 3.64 0.09
CA ALA B 116 -9.71 4.87 0.68
C ALA B 116 -8.57 5.88 0.78
N ASP B 117 -8.85 7.13 0.42
CA ASP B 117 -7.75 8.08 0.21
C ASP B 117 -6.97 8.35 1.49
N ASP B 118 -7.60 8.26 2.66
CA ASP B 118 -6.92 8.62 3.90
C ASP B 118 -6.39 7.40 4.66
N HIS B 119 -6.43 6.21 4.04
CA HIS B 119 -5.85 5.05 4.69
C HIS B 119 -4.33 5.23 4.82
N PRO B 120 -3.75 4.87 5.97
CA PRO B 120 -2.34 5.24 6.25
C PRO B 120 -1.32 4.62 5.30
N ALA B 121 -1.62 3.51 4.64
CA ALA B 121 -0.66 2.92 3.70
C ALA B 121 -0.63 3.64 2.35
N ALA B 122 -1.52 4.62 2.13
CA ALA B 122 -1.48 5.49 0.96
C ALA B 122 -1.62 4.73 -0.35
N GLN B 123 -2.25 3.55 -0.33
CA GLN B 123 -2.25 2.74 -1.56
C GLN B 123 -3.08 3.37 -2.69
N ARG B 124 -4.07 4.22 -2.38
CA ARG B 124 -4.77 4.89 -3.48
C ARG B 124 -3.83 5.78 -4.28
N ALA B 125 -3.07 6.64 -3.59
CA ALA B 125 -2.17 7.53 -4.31
C ALA B 125 -1.10 6.75 -5.05
N TRP B 126 -0.60 5.67 -4.45
CA TRP B 126 0.45 4.90 -5.11
C TRP B 126 -0.08 4.12 -6.32
N HIS B 127 -1.39 4.04 -6.49
CA HIS B 127 -1.97 3.38 -7.65
C HIS B 127 -2.67 4.36 -8.58
N ASP B 128 -2.57 5.65 -8.31
CA ASP B 128 -3.31 6.66 -9.06
C ASP B 128 -2.50 7.02 -10.30
N LEU B 129 -3.10 6.77 -11.47
CA LEU B 129 -2.42 6.88 -12.75
C LEU B 129 -2.08 8.32 -13.11
N THR B 130 -2.69 9.30 -12.46
CA THR B 130 -2.34 10.71 -12.64
C THR B 130 -1.21 11.14 -11.71
N GLN B 131 -0.79 10.31 -10.77
CA GLN B 131 0.34 10.65 -9.92
C GLN B 131 1.58 9.93 -10.41
N ALA B 132 2.74 10.37 -9.89
CA ALA B 132 4.00 10.13 -10.60
C ALA B 132 4.36 8.65 -10.69
N VAL B 133 4.11 7.87 -9.63
CA VAL B 133 4.68 6.52 -9.60
C VAL B 133 3.87 5.56 -10.48
N ALA B 134 2.54 5.53 -10.30
CA ALA B 134 1.74 4.64 -11.15
C ALA B 134 1.83 5.07 -12.61
N ARG B 135 1.93 6.38 -12.87
CA ARG B 135 2.21 6.84 -14.22
C ARG B 135 3.52 6.26 -14.74
N ALA B 136 4.59 6.34 -13.92
CA ALA B 136 5.89 5.81 -14.33
C ALA B 136 5.85 4.30 -14.53
N ASP B 137 4.99 3.59 -13.80
CA ASP B 137 4.89 2.14 -13.96
C ASP B 137 4.50 1.71 -15.37
N ILE B 138 3.90 2.60 -16.17
CA ILE B 138 3.62 2.24 -17.55
C ILE B 138 4.90 1.88 -18.28
N SER B 139 6.06 2.35 -17.79
CA SER B 139 7.36 1.90 -18.33
C SER B 139 7.50 0.38 -18.36
N PHE B 140 6.81 -0.33 -17.48
CA PHE B 140 6.93 -1.79 -17.46
C PHE B 140 6.41 -2.43 -18.73
N THR B 141 5.57 -1.75 -19.51
CA THR B 141 5.11 -2.34 -20.77
C THR B 141 6.25 -2.55 -21.75
N ARG B 142 7.41 -1.94 -21.53
CA ARG B 142 8.57 -2.17 -22.37
C ARG B 142 9.69 -2.87 -21.61
N LEU B 143 9.31 -3.67 -20.60
CA LEU B 143 10.31 -4.39 -19.82
C LEU B 143 11.29 -5.20 -20.66
N PRO B 144 10.90 -5.88 -21.75
CA PRO B 144 11.92 -6.59 -22.55
C PRO B 144 13.06 -5.69 -22.99
N ASP B 145 12.78 -4.46 -23.42
CA ASP B 145 13.86 -3.55 -23.81
C ASP B 145 14.80 -3.29 -22.63
N ALA B 146 14.24 -3.18 -21.42
CA ALA B 146 15.08 -2.85 -20.27
C ALA B 146 15.93 -4.05 -19.83
N ILE B 147 15.44 -5.27 -20.02
CA ILE B 147 16.25 -6.44 -19.71
C ILE B 147 17.37 -6.60 -20.75
N ARG B 148 17.09 -6.24 -22.00
CA ARG B 148 18.13 -6.34 -23.03
C ARG B 148 19.23 -5.30 -22.83
N THR B 149 18.84 -4.07 -22.44
CA THR B 149 19.78 -2.96 -22.42
C THR B 149 20.24 -2.56 -21.03
N GLY B 150 19.52 -2.97 -20.00
CA GLY B 150 19.80 -2.40 -18.69
C GLY B 150 19.44 -0.93 -18.53
N ARG B 151 18.68 -0.35 -19.45
CA ARG B 151 18.43 1.09 -19.46
C ARG B 151 16.93 1.37 -19.32
N PRO B 152 16.56 2.54 -18.77
CA PRO B 152 15.14 2.83 -18.52
C PRO B 152 14.35 2.98 -19.80
N THR B 153 13.05 2.72 -19.69
CA THR B 153 12.11 2.85 -20.79
C THR B 153 11.16 4.03 -20.61
N TYR B 154 11.23 4.70 -19.46
CA TYR B 154 10.36 5.84 -19.17
C TYR B 154 10.39 6.88 -20.29
N GLU B 155 11.60 7.27 -20.71
CA GLU B 155 11.75 8.32 -21.72
C GLU B 155 11.08 7.92 -23.02
N SER B 156 11.18 6.64 -23.38
CA SER B 156 10.56 6.19 -24.64
C SER B 156 9.06 6.31 -24.61
N ILE B 157 8.45 6.34 -23.43
CA ILE B 157 7.01 6.52 -23.33
C ILE B 157 6.62 7.98 -23.15
N TYR B 158 7.34 8.72 -22.28
CA TYR B 158 6.88 10.04 -21.88
C TYR B 158 7.67 11.19 -22.47
N GLY B 159 8.79 10.93 -23.17
CA GLY B 159 9.48 11.92 -23.94
C GLY B 159 10.72 12.51 -23.31
N LYS B 160 10.88 12.38 -21.99
CA LYS B 160 12.07 12.85 -21.28
C LYS B 160 12.40 11.85 -20.21
N PRO B 161 13.66 11.79 -19.77
CA PRO B 161 14.00 10.98 -18.59
C PRO B 161 13.24 11.47 -17.36
N PHE B 162 13.15 10.57 -16.39
CA PHE B 162 12.28 10.71 -15.23
C PHE B 162 12.34 12.11 -14.58
N TYR B 163 13.52 12.51 -14.08
CA TYR B 163 13.55 13.77 -13.33
C TYR B 163 13.42 14.99 -14.23
N GLU B 164 13.84 14.89 -15.50
CA GLU B 164 13.59 16.00 -16.42
C GLU B 164 12.12 16.12 -16.76
N ASP B 165 11.41 15.00 -16.87
CA ASP B 165 9.97 15.05 -17.07
C ASP B 165 9.29 15.73 -15.88
N LEU B 166 9.68 15.34 -14.66
CA LEU B 166 9.12 16.00 -13.46
C LEU B 166 9.44 17.49 -13.45
N ALA B 167 10.62 17.88 -13.90
CA ALA B 167 11.01 19.28 -13.85
C ALA B 167 10.14 20.16 -14.75
N GLY B 168 9.50 19.58 -15.75
CA GLY B 168 8.59 20.32 -16.60
C GLY B 168 7.14 20.15 -16.24
N ARG B 169 6.84 19.32 -15.25
CA ARG B 169 5.47 18.99 -14.86
C ARG B 169 5.32 19.22 -13.36
N PRO B 170 4.99 20.45 -12.93
CA PRO B 170 4.92 20.73 -11.49
C PRO B 170 3.96 19.81 -10.75
N ASP B 171 2.89 19.36 -11.40
CA ASP B 171 1.96 18.43 -10.77
C ASP B 171 2.62 17.10 -10.47
N LEU B 172 3.37 16.55 -11.43
CA LEU B 172 4.07 15.30 -11.21
C LEU B 172 5.19 15.45 -10.20
N ARG B 173 5.94 16.55 -10.29
CA ARG B 173 6.99 16.82 -9.31
C ARG B 173 6.41 16.81 -7.89
N ALA B 174 5.29 17.50 -7.71
CA ALA B 174 4.67 17.60 -6.39
C ALA B 174 4.14 16.26 -5.91
N SER B 175 3.52 15.48 -6.81
CA SER B 175 2.96 14.22 -6.33
C SER B 175 4.06 13.20 -6.03
N PHE B 176 5.14 13.20 -6.81
CA PHE B 176 6.28 12.36 -6.43
C PHE B 176 6.81 12.73 -5.04
N ASP B 177 7.01 14.01 -4.79
CA ASP B 177 7.55 14.40 -3.49
C ASP B 177 6.60 14.01 -2.37
N SER B 178 5.29 14.16 -2.60
CA SER B 178 4.30 13.81 -1.57
C SER B 178 4.20 12.31 -1.36
N LEU B 179 4.35 11.51 -2.42
CA LEU B 179 4.31 10.05 -2.26
C LEU B 179 5.44 9.59 -1.36
N LEU B 180 6.65 10.12 -1.58
CA LEU B 180 7.79 9.69 -0.79
C LEU B 180 7.75 10.24 0.62
N ALA B 181 7.22 11.45 0.81
CA ALA B 181 7.21 12.11 2.10
C ALA B 181 5.93 11.88 2.87
N CYS B 182 5.15 10.86 2.52
CA CYS B 182 3.88 10.65 3.20
C CYS B 182 4.11 10.31 4.67
N ASP B 183 5.00 9.35 4.91
CA ASP B 183 5.30 8.86 6.24
C ASP B 183 6.23 9.81 7.00
N GLN B 184 6.20 11.10 6.63
CA GLN B 184 7.34 11.99 6.90
C GLN B 184 7.59 12.18 8.40
N ASP B 185 6.53 12.21 9.20
CA ASP B 185 6.73 12.52 10.61
C ASP B 185 7.16 11.31 11.43
N VAL B 186 7.34 10.14 10.80
CA VAL B 186 7.74 8.94 11.54
C VAL B 186 8.70 8.07 10.76
N ALA B 187 8.63 8.13 9.41
CA ALA B 187 9.48 7.25 8.62
C ALA B 187 10.95 7.55 8.84
N PHE B 188 11.27 8.79 9.20
CA PHE B 188 12.65 9.17 9.40
C PHE B 188 13.04 9.18 10.88
N ASP B 189 12.07 9.03 11.78
CA ASP B 189 12.40 8.98 13.21
C ASP B 189 13.33 7.82 13.53
N ALA B 190 13.06 6.65 12.97
CA ALA B 190 13.89 5.48 13.26
C ALA B 190 15.32 5.64 12.74
N PRO B 191 15.56 6.01 11.47
CA PRO B 191 16.95 6.23 11.06
C PRO B 191 17.62 7.35 11.83
N ALA B 192 16.90 8.44 12.11
CA ALA B 192 17.47 9.50 12.93
C ALA B 192 17.88 8.97 14.30
N ALA B 193 17.03 8.14 14.91
CA ALA B 193 17.34 7.62 16.23
C ALA B 193 18.48 6.59 16.20
N ALA B 194 18.78 6.03 15.03
CA ALA B 194 19.75 4.96 14.91
C ALA B 194 21.19 5.46 14.80
N TYR B 195 21.42 6.77 14.90
CA TYR B 195 22.75 7.33 14.72
C TYR B 195 23.06 8.28 15.86
N ASP B 196 24.30 8.22 16.36
CA ASP B 196 24.73 9.08 17.46
C ASP B 196 25.19 10.43 16.90
N TRP B 197 24.41 11.48 17.17
CA TRP B 197 24.69 12.81 16.64
C TRP B 197 25.65 13.63 17.51
N THR B 198 26.25 13.02 18.54
CA THR B 198 27.03 13.80 19.52
C THR B 198 28.16 14.57 18.86
N ASN B 199 28.89 13.94 17.94
CA ASN B 199 30.06 14.57 17.35
C ASN B 199 29.76 15.21 16.00
N VAL B 200 28.49 15.42 15.68
CA VAL B 200 28.07 16.02 14.41
C VAL B 200 27.70 17.46 14.69
N ARG B 201 28.30 18.39 13.93
CA ARG B 201 27.89 19.78 13.99
C ARG B 201 26.98 20.16 12.82
N HIS B 202 27.28 19.71 11.61
CA HIS B 202 26.44 20.04 10.47
C HIS B 202 26.12 18.78 9.66
N VAL B 203 24.89 18.72 9.17
CA VAL B 203 24.41 17.62 8.35
C VAL B 203 24.02 18.17 7.00
N LEU B 204 24.40 17.45 5.94
CA LEU B 204 23.95 17.72 4.58
C LEU B 204 23.11 16.55 4.10
N ASP B 205 21.83 16.79 3.82
CA ASP B 205 20.97 15.76 3.25
C ASP B 205 20.92 15.94 1.74
N VAL B 206 21.59 15.04 1.03
CA VAL B 206 21.81 15.18 -0.40
C VAL B 206 20.63 14.53 -1.11
N GLY B 207 19.87 15.31 -1.90
CA GLY B 207 18.61 14.80 -2.43
C GLY B 207 17.57 14.55 -1.34
N GLY B 208 17.45 15.47 -0.40
CA GLY B 208 16.69 15.26 0.82
C GLY B 208 15.19 15.41 0.74
N GLY B 209 14.62 15.45 -0.46
CA GLY B 209 13.17 15.53 -0.60
C GLY B 209 12.61 16.78 0.07
N LYS B 210 11.50 16.61 0.79
CA LYS B 210 10.86 17.75 1.45
C LYS B 210 11.51 18.10 2.78
N GLY B 211 12.66 17.52 3.12
CA GLY B 211 13.33 17.87 4.34
C GLY B 211 12.93 17.06 5.54
N GLY B 212 12.14 16.01 5.37
CA GLY B 212 11.65 15.24 6.51
C GLY B 212 12.77 14.58 7.31
N PHE B 213 13.79 14.08 6.61
CA PHE B 213 14.91 13.45 7.31
C PHE B 213 15.73 14.49 8.06
N ALA B 214 16.04 15.63 7.42
CA ALA B 214 16.79 16.67 8.12
C ALA B 214 16.02 17.18 9.33
N ALA B 215 14.69 17.30 9.19
CA ALA B 215 13.86 17.76 10.31
C ALA B 215 13.92 16.80 11.48
N ALA B 216 13.82 15.49 11.21
CA ALA B 216 13.84 14.49 12.28
C ALA B 216 15.17 14.49 13.02
N ILE B 217 16.28 14.65 12.28
CA ILE B 217 17.58 14.80 12.92
C ILE B 217 17.63 16.07 13.77
N ALA B 218 17.14 17.19 13.23
CA ALA B 218 17.22 18.44 13.96
C ALA B 218 16.42 18.37 15.27
N ARG B 219 15.25 17.71 15.24
CA ARG B 219 14.44 17.57 16.45
C ARG B 219 15.17 16.77 17.53
N ARG B 220 15.80 15.66 17.12
N ARG B 220 15.81 15.66 17.15
CA ARG B 220 16.48 14.73 18.01
CA ARG B 220 16.40 14.85 18.20
C ARG B 220 17.79 15.29 18.53
C ARG B 220 17.85 15.23 18.52
N ALA B 221 18.47 16.09 17.72
CA ALA B 221 19.83 16.55 17.98
C ALA B 221 19.82 18.07 17.89
N PRO B 222 19.31 18.76 18.91
CA PRO B 222 19.10 20.21 18.80
C PRO B 222 20.34 21.02 18.48
N HIS B 223 21.54 20.52 18.76
CA HIS B 223 22.74 21.28 18.46
C HIS B 223 23.12 21.21 16.98
N VAL B 224 22.44 20.36 16.22
CA VAL B 224 22.82 20.13 14.83
C VAL B 224 22.21 21.21 13.95
N SER B 225 22.97 21.70 12.98
CA SER B 225 22.39 22.44 11.88
C SER B 225 22.44 21.58 10.63
N ALA B 226 21.46 21.77 9.73
CA ALA B 226 21.33 20.89 8.59
C ALA B 226 21.06 21.70 7.33
N THR B 227 21.48 21.15 6.20
CA THR B 227 21.19 21.71 4.89
C THR B 227 20.58 20.61 4.03
N VAL B 228 19.50 20.93 3.33
CA VAL B 228 18.89 20.04 2.34
C VAL B 228 19.30 20.53 0.96
N LEU B 229 19.88 19.64 0.15
CA LEU B 229 20.18 19.92 -1.25
C LEU B 229 19.13 19.25 -2.12
N GLU B 230 18.42 20.03 -2.94
CA GLU B 230 17.37 19.45 -3.77
C GLU B 230 17.25 20.18 -5.10
N MET B 231 16.36 19.66 -5.95
CA MET B 231 16.08 20.21 -7.27
C MET B 231 15.07 21.35 -7.20
N ALA B 232 14.98 22.11 -8.29
CA ALA B 232 13.95 23.14 -8.39
C ALA B 232 12.57 22.55 -8.15
N GLY B 233 11.67 23.36 -7.59
CA GLY B 233 10.36 22.88 -7.21
C GLY B 233 10.35 22.24 -5.84
N THR B 234 11.06 21.10 -5.72
CA THR B 234 11.15 20.40 -4.44
C THR B 234 11.71 21.33 -3.36
N VAL B 235 12.66 22.21 -3.70
CA VAL B 235 13.21 23.13 -2.71
C VAL B 235 12.14 24.02 -2.11
N ASP B 236 11.13 24.39 -2.89
CA ASP B 236 10.10 25.28 -2.37
C ASP B 236 9.21 24.57 -1.36
N THR B 237 8.80 23.32 -1.65
CA THR B 237 7.99 22.61 -0.67
C THR B 237 8.81 22.18 0.54
N ALA B 238 10.12 21.91 0.35
CA ALA B 238 11.00 21.66 1.50
C ALA B 238 11.07 22.89 2.39
N ARG B 239 11.34 24.07 1.81
CA ARG B 239 11.40 25.29 2.61
C ARG B 239 10.07 25.54 3.32
N SER B 240 8.95 25.30 2.64
CA SER B 240 7.65 25.57 3.25
C SER B 240 7.33 24.56 4.35
N TYR B 241 7.75 23.30 4.19
CA TYR B 241 7.60 22.31 5.25
C TYR B 241 8.40 22.69 6.49
N LEU B 242 9.67 23.06 6.29
CA LEU B 242 10.51 23.40 7.42
C LEU B 242 10.04 24.67 8.09
N LYS B 243 9.45 25.58 7.32
CA LYS B 243 8.86 26.78 7.90
C LYS B 243 7.64 26.43 8.76
N ASP B 244 6.76 25.57 8.24
CA ASP B 244 5.62 25.12 9.02
C ASP B 244 6.05 24.43 10.31
N GLU B 245 7.19 23.76 10.29
CA GLU B 245 7.71 23.05 11.46
C GLU B 245 8.48 23.94 12.42
N GLY B 246 8.68 25.22 12.08
CA GLY B 246 9.49 26.08 12.91
C GLY B 246 10.97 25.80 12.89
N LEU B 247 11.49 25.21 11.80
CA LEU B 247 12.90 24.84 11.73
C LEU B 247 13.70 25.66 10.71
N SER B 248 13.12 26.73 10.14
CA SER B 248 13.82 27.50 9.11
C SER B 248 15.17 28.01 9.60
N ASP B 249 15.29 28.33 10.89
CA ASP B 249 16.53 28.85 11.45
C ASP B 249 17.59 27.79 11.61
N ARG B 250 17.23 26.52 11.54
CA ARG B 250 18.15 25.42 11.81
C ARG B 250 18.40 24.52 10.61
N VAL B 251 17.45 24.43 9.68
CA VAL B 251 17.60 23.66 8.46
C VAL B 251 17.33 24.58 7.28
N ASP B 252 18.33 24.78 6.43
CA ASP B 252 18.14 25.57 5.23
C ASP B 252 18.13 24.64 4.02
N VAL B 253 17.64 25.17 2.90
CA VAL B 253 17.49 24.39 1.68
C VAL B 253 18.28 25.08 0.58
N VAL B 254 19.08 24.30 -0.15
CA VAL B 254 19.87 24.79 -1.27
C VAL B 254 19.42 24.06 -2.50
N GLU B 255 19.13 24.82 -3.56
CA GLU B 255 18.85 24.24 -4.87
C GLU B 255 20.16 23.99 -5.60
N GLY B 256 20.32 22.79 -6.14
CA GLY B 256 21.57 22.46 -6.79
C GLY B 256 21.55 21.06 -7.37
N ASP B 257 22.70 20.66 -7.85
CA ASP B 257 22.86 19.41 -8.59
C ASP B 257 23.93 18.60 -7.88
N PHE B 258 23.56 17.41 -7.36
CA PHE B 258 24.55 16.69 -6.57
C PHE B 258 25.61 15.98 -7.42
N PHE B 259 25.60 16.11 -8.75
CA PHE B 259 26.79 15.73 -9.52
C PHE B 259 27.85 16.83 -9.56
N GLU B 260 27.53 18.03 -9.13
CA GLU B 260 28.50 19.12 -9.04
C GLU B 260 29.10 19.13 -7.63
N PRO B 261 30.17 19.90 -7.39
CA PRO B 261 30.70 20.00 -6.02
C PRO B 261 29.58 20.35 -5.05
N LEU B 262 29.56 19.67 -3.91
CA LEU B 262 28.48 19.90 -2.95
C LEU B 262 28.64 21.29 -2.33
N PRO B 263 27.53 21.94 -1.93
CA PRO B 263 27.61 23.37 -1.57
C PRO B 263 28.41 23.66 -0.31
N ARG B 264 28.55 22.70 0.60
CA ARG B 264 29.36 22.91 1.79
C ARG B 264 29.85 21.56 2.28
N LYS B 265 30.74 21.60 3.26
CA LYS B 265 31.19 20.39 3.94
C LYS B 265 30.25 20.05 5.09
N ALA B 266 30.35 18.80 5.56
CA ALA B 266 29.48 18.32 6.64
C ALA B 266 30.16 17.19 7.39
N ASP B 267 29.71 16.99 8.63
CA ASP B 267 30.13 15.87 9.47
C ASP B 267 29.34 14.61 9.20
N ALA B 268 28.12 14.76 8.70
CA ALA B 268 27.30 13.63 8.30
C ALA B 268 26.60 14.02 7.01
N ILE B 269 26.70 13.15 5.99
CA ILE B 269 26.06 13.40 4.72
C ILE B 269 25.11 12.25 4.46
N ILE B 270 23.85 12.59 4.19
CA ILE B 270 22.77 11.60 4.10
C ILE B 270 22.46 11.35 2.65
N LEU B 271 22.33 10.07 2.27
CA LEU B 271 21.80 9.68 0.97
C LEU B 271 20.65 8.72 1.25
N SER B 272 19.42 9.24 1.29
CA SER B 272 18.24 8.48 1.65
C SER B 272 17.44 8.24 0.37
N PHE B 273 17.39 6.98 -0.08
CA PHE B 273 16.70 6.62 -1.31
C PHE B 273 17.13 7.50 -2.46
N VAL B 274 18.43 7.72 -2.58
CA VAL B 274 19.01 8.43 -3.71
C VAL B 274 19.75 7.48 -4.63
N LEU B 275 20.71 6.72 -4.09
CA LEU B 275 21.63 5.99 -4.95
C LEU B 275 20.92 4.92 -5.77
N LEU B 276 19.82 4.35 -5.26
CA LEU B 276 19.07 3.38 -6.07
C LEU B 276 18.49 3.97 -7.35
N ASN B 277 18.41 5.31 -7.45
CA ASN B 277 17.95 5.97 -8.68
C ASN B 277 18.97 5.90 -9.80
N TRP B 278 20.18 5.40 -9.51
CA TRP B 278 21.29 5.64 -10.43
C TRP B 278 22.05 4.35 -10.73
N PRO B 279 22.49 4.16 -11.97
CA PRO B 279 23.39 3.04 -12.27
C PRO B 279 24.73 3.23 -11.58
N ASP B 280 25.53 2.17 -11.61
CA ASP B 280 26.74 2.11 -10.80
C ASP B 280 27.67 3.32 -11.01
N HIS B 281 27.90 3.71 -12.27
N HIS B 281 27.92 3.69 -12.28
CA HIS B 281 28.87 4.78 -12.50
CA HIS B 281 28.86 4.80 -12.53
C HIS B 281 28.35 6.13 -12.01
C HIS B 281 28.35 6.11 -11.94
N ASP B 282 27.04 6.36 -12.07
CA ASP B 282 26.48 7.60 -11.52
C ASP B 282 26.47 7.55 -9.99
N ALA B 283 26.13 6.39 -9.42
CA ALA B 283 26.12 6.26 -7.97
C ALA B 283 27.52 6.49 -7.40
N VAL B 284 28.57 6.05 -8.12
CA VAL B 284 29.93 6.30 -7.67
C VAL B 284 30.24 7.80 -7.73
N ARG B 285 29.82 8.48 -8.80
CA ARG B 285 29.99 9.92 -8.88
C ARG B 285 29.37 10.61 -7.67
N ILE B 286 28.13 10.26 -7.34
CA ILE B 286 27.46 10.88 -6.20
C ILE B 286 28.21 10.58 -4.91
N LEU B 287 28.54 9.30 -4.66
CA LEU B 287 29.27 8.96 -3.45
C LEU B 287 30.60 9.69 -3.38
N THR B 288 31.26 9.88 -4.53
CA THR B 288 32.54 10.58 -4.56
C THR B 288 32.36 12.06 -4.21
N ARG B 289 31.32 12.71 -4.76
CA ARG B 289 31.04 14.08 -4.35
C ARG B 289 30.79 14.18 -2.85
N CYS B 290 30.13 13.16 -2.27
CA CYS B 290 29.91 13.18 -0.82
C CYS B 290 31.21 12.97 -0.06
N ALA B 291 32.03 11.99 -0.48
CA ALA B 291 33.32 11.78 0.17
C ALA B 291 34.16 13.05 0.14
N GLU B 292 34.10 13.78 -0.97
CA GLU B 292 34.91 14.98 -1.13
C GLU B 292 34.43 16.12 -0.24
N ALA B 293 33.20 16.05 0.24
CA ALA B 293 32.61 17.10 1.07
C ALA B 293 32.64 16.77 2.55
N LEU B 294 33.18 15.62 2.94
CA LEU B 294 33.19 15.24 4.36
C LEU B 294 34.22 16.05 5.14
N GLU B 295 33.82 16.54 6.30
CA GLU B 295 34.78 17.05 7.27
C GLU B 295 35.63 15.88 7.79
N PRO B 296 36.80 16.17 8.38
CA PRO B 296 37.56 15.10 9.04
C PRO B 296 36.71 14.36 10.08
N GLY B 297 36.81 13.03 10.06
CA GLY B 297 36.00 12.21 10.94
C GLY B 297 34.57 12.02 10.48
N GLY B 298 34.16 12.67 9.39
CA GLY B 298 32.78 12.60 8.96
C GLY B 298 32.40 11.24 8.40
N ARG B 299 31.10 11.04 8.24
CA ARG B 299 30.58 9.78 7.74
C ARG B 299 29.47 10.06 6.72
N ILE B 300 29.27 9.10 5.82
CA ILE B 300 28.17 9.10 4.87
C ILE B 300 27.16 8.07 5.33
N LEU B 301 25.87 8.47 5.34
CA LEU B 301 24.78 7.64 5.85
C LEU B 301 23.85 7.30 4.69
N ILE B 302 23.74 6.02 4.37
CA ILE B 302 22.87 5.55 3.29
C ILE B 302 21.66 4.89 3.92
N HIS B 303 20.47 5.37 3.55
CA HIS B 303 19.20 4.86 4.04
C HIS B 303 18.52 4.20 2.85
N GLU B 304 18.52 2.86 2.83
CA GLU B 304 18.02 2.09 1.70
C GLU B 304 17.80 0.65 2.14
N ARG B 305 17.35 -0.18 1.22
CA ARG B 305 17.36 -1.62 1.47
C ARG B 305 18.78 -2.17 1.34
N ASP B 306 19.01 -3.31 1.97
CA ASP B 306 20.36 -3.86 2.01
C ASP B 306 20.30 -5.39 2.17
N ASP B 307 19.36 -6.02 1.47
CA ASP B 307 19.22 -7.47 1.55
C ASP B 307 20.52 -8.18 1.19
N LEU B 308 20.86 -9.22 1.96
CA LEU B 308 21.79 -10.21 1.44
C LEU B 308 21.22 -10.80 0.14
N HIS B 309 22.12 -11.11 -0.80
CA HIS B 309 21.69 -11.67 -2.08
C HIS B 309 20.76 -12.87 -1.88
N GLU B 310 21.15 -13.81 -1.02
CA GLU B 310 20.33 -14.99 -0.83
C GLU B 310 19.02 -14.70 -0.11
N ASN B 311 18.85 -13.51 0.45
CA ASN B 311 17.58 -13.08 1.01
C ASN B 311 16.83 -12.14 0.10
N SER B 312 17.35 -11.86 -1.09
CA SER B 312 16.78 -10.82 -1.94
C SER B 312 15.69 -11.32 -2.87
N PHE B 313 15.43 -12.63 -2.91
CA PHE B 313 14.46 -13.17 -3.86
C PHE B 313 13.05 -13.06 -3.29
N ASN B 314 12.62 -11.81 -3.09
CA ASN B 314 11.33 -11.53 -2.46
C ASN B 314 10.67 -10.34 -3.16
N GLU B 315 9.35 -10.27 -3.04
CA GLU B 315 8.57 -9.31 -3.82
C GLU B 315 8.82 -7.87 -3.41
N GLN B 316 9.22 -7.62 -2.16
CA GLN B 316 9.55 -6.25 -1.77
C GLN B 316 10.79 -5.78 -2.49
N PHE B 317 11.85 -6.58 -2.46
CA PHE B 317 13.07 -6.23 -3.19
C PHE B 317 12.77 -6.05 -4.67
N THR B 318 12.09 -7.01 -5.30
CA THR B 318 12.02 -6.97 -6.76
C THR B 318 11.15 -5.84 -7.26
N GLU B 319 10.11 -5.47 -6.51
CA GLU B 319 9.23 -4.41 -6.98
C GLU B 319 9.99 -3.09 -7.09
N LEU B 320 10.74 -2.75 -6.04
CA LEU B 320 11.52 -1.52 -6.03
C LEU B 320 12.70 -1.61 -7.00
N ASP B 321 13.39 -2.76 -7.02
CA ASP B 321 14.53 -2.90 -7.92
C ASP B 321 14.10 -2.77 -9.39
N LEU B 322 12.99 -3.42 -9.76
CA LEU B 322 12.58 -3.36 -11.16
C LEU B 322 12.00 -2.00 -11.51
N ARG B 323 11.34 -1.35 -10.56
CA ARG B 323 10.92 0.04 -10.81
C ARG B 323 12.13 0.93 -11.09
N MET B 324 13.20 0.77 -10.29
CA MET B 324 14.37 1.60 -10.56
C MET B 324 14.94 1.28 -11.94
N LEU B 325 14.88 0.01 -12.35
CA LEU B 325 15.37 -0.30 -13.69
C LEU B 325 14.60 0.46 -14.76
N VAL B 326 13.25 0.35 -14.77
CA VAL B 326 12.52 0.90 -15.91
C VAL B 326 12.26 2.40 -15.78
N PHE B 327 12.13 2.95 -14.54
CA PHE B 327 11.99 4.40 -14.38
C PHE B 327 13.30 5.12 -14.73
N LEU B 328 14.43 4.57 -14.28
CA LEU B 328 15.66 5.35 -14.14
C LEU B 328 16.93 4.65 -14.56
N GLY B 329 16.93 3.34 -14.75
CA GLY B 329 18.21 2.67 -14.94
C GLY B 329 18.98 2.47 -13.65
N GLY B 330 18.34 2.68 -12.50
CA GLY B 330 18.96 2.46 -11.21
C GLY B 330 18.82 0.99 -10.80
N ALA B 331 19.07 0.72 -9.52
CA ALA B 331 19.13 -0.65 -9.02
C ALA B 331 19.18 -0.62 -7.50
N LEU B 332 18.54 -1.60 -6.87
CA LEU B 332 18.86 -1.90 -5.48
C LEU B 332 20.16 -2.67 -5.43
N ARG B 333 20.91 -2.47 -4.36
CA ARG B 333 22.19 -3.14 -4.18
C ARG B 333 22.10 -4.06 -2.97
N THR B 334 22.51 -5.31 -3.17
CA THR B 334 22.59 -6.26 -2.08
C THR B 334 23.75 -5.88 -1.16
N ARG B 335 23.75 -6.50 0.02
CA ARG B 335 24.81 -6.27 1.00
C ARG B 335 26.20 -6.37 0.35
N GLU B 336 26.40 -7.39 -0.46
CA GLU B 336 27.70 -7.59 -1.09
C GLU B 336 28.02 -6.49 -2.10
N LYS B 337 27.03 -6.00 -2.85
CA LYS B 337 27.29 -4.95 -3.86
C LYS B 337 27.65 -3.62 -3.21
N TRP B 338 27.08 -3.31 -2.05
CA TRP B 338 27.43 -2.06 -1.38
C TRP B 338 28.92 -1.99 -1.10
N ASP B 339 29.53 -3.13 -0.75
CA ASP B 339 30.98 -3.18 -0.51
C ASP B 339 31.75 -2.76 -1.75
N GLY B 340 31.35 -3.24 -2.93
CA GLY B 340 32.06 -2.88 -4.15
C GLY B 340 31.87 -1.42 -4.53
N LEU B 341 30.62 -0.93 -4.45
CA LEU B 341 30.34 0.47 -4.74
C LEU B 341 31.13 1.40 -3.82
N ALA B 342 31.11 1.12 -2.53
CA ALA B 342 31.87 1.93 -1.59
C ALA B 342 33.34 1.97 -1.97
N ALA B 343 33.92 0.79 -2.27
CA ALA B 343 35.33 0.76 -2.64
C ALA B 343 35.60 1.64 -3.85
N SER B 344 34.74 1.60 -4.88
CA SER B 344 34.99 2.41 -6.06
C SER B 344 34.97 3.90 -5.75
N ALA B 345 34.31 4.31 -4.66
CA ALA B 345 34.27 5.71 -4.27
C ALA B 345 35.31 6.07 -3.21
N GLY B 346 36.24 5.17 -2.90
CA GLY B 346 37.20 5.43 -1.85
C GLY B 346 36.65 5.29 -0.46
N LEU B 347 35.57 4.53 -0.29
CA LEU B 347 34.89 4.40 1.00
C LEU B 347 34.88 2.95 1.44
N VAL B 348 34.52 2.73 2.70
CA VAL B 348 34.28 1.38 3.22
C VAL B 348 33.02 1.40 4.06
N VAL B 349 32.24 0.32 3.99
CA VAL B 349 31.07 0.19 4.85
C VAL B 349 31.57 -0.11 6.25
N GLU B 350 31.45 0.87 7.14
CA GLU B 350 31.93 0.72 8.51
C GLU B 350 30.96 -0.12 9.34
N GLU B 351 29.67 0.06 9.15
CA GLU B 351 28.67 -0.76 9.84
C GLU B 351 27.32 -0.54 9.19
N VAL B 352 26.44 -1.49 9.43
CA VAL B 352 25.07 -1.47 8.92
C VAL B 352 24.14 -1.71 10.10
N ARG B 353 23.12 -0.88 10.23
CA ARG B 353 22.15 -1.00 11.31
C ARG B 353 20.79 -1.26 10.68
N GLN B 354 20.17 -2.37 11.05
CA GLN B 354 18.84 -2.70 10.55
C GLN B 354 17.79 -1.89 11.28
N LEU B 355 16.87 -1.37 10.55
CA LEU B 355 15.91 -0.42 11.07
C LEU B 355 14.57 -1.08 11.33
N PRO B 356 13.95 -0.75 12.46
CA PRO B 356 12.58 -1.23 12.72
C PRO B 356 11.60 -0.58 11.74
N SER B 357 10.72 -1.41 11.19
CA SER B 357 9.61 -0.96 10.36
C SER B 357 8.32 -1.37 11.04
N PRO B 358 7.96 -0.71 12.15
CA PRO B 358 6.79 -1.16 12.93
C PRO B 358 5.47 -0.93 12.23
N THR B 359 5.45 -0.17 11.14
CA THR B 359 4.26 -0.03 10.30
C THR B 359 3.95 -1.37 9.67
N ILE B 360 4.59 -1.67 8.55
CA ILE B 360 4.46 -2.96 7.88
C ILE B 360 5.87 -3.52 7.70
N PRO B 361 6.05 -4.84 7.75
CA PRO B 361 7.41 -5.39 7.61
C PRO B 361 8.06 -5.01 6.29
N TYR B 362 8.82 -3.91 6.31
CA TYR B 362 9.58 -3.44 5.15
C TYR B 362 11.00 -3.17 5.64
N ASP B 363 11.91 -4.11 5.38
CA ASP B 363 13.24 -4.09 5.98
C ASP B 363 14.11 -3.03 5.31
N LEU B 364 14.41 -1.96 6.04
CA LEU B 364 15.34 -0.94 5.59
C LEU B 364 16.57 -0.95 6.48
N SER B 365 17.62 -0.28 6.03
CA SER B 365 18.79 -0.21 6.89
C SER B 365 19.46 1.15 6.74
N LEU B 366 20.37 1.40 7.66
CA LEU B 366 21.22 2.57 7.68
C LEU B 366 22.64 2.05 7.53
N LEU B 367 23.28 2.36 6.41
CA LEU B 367 24.68 2.01 6.18
C LEU B 367 25.55 3.22 6.49
N VAL B 368 26.60 3.00 7.26
CA VAL B 368 27.52 4.07 7.63
C VAL B 368 28.84 3.85 6.90
N LEU B 369 29.20 4.78 6.04
CA LEU B 369 30.39 4.66 5.22
C LEU B 369 31.44 5.66 5.68
N ALA B 370 32.70 5.23 5.65
CA ALA B 370 33.85 6.03 6.06
C ALA B 370 34.91 5.97 4.97
N PRO B 371 35.84 6.92 4.95
CA PRO B 371 36.99 6.81 4.04
C PRO B 371 37.71 5.49 4.25
N ALA B 372 38.09 4.86 3.14
CA ALA B 372 38.73 3.53 3.19
C ALA B 372 40.14 3.60 3.76
N ARG C 30 -0.94 -6.84 13.05
CA ARG C 30 -1.96 -7.85 12.77
C ARG C 30 -1.75 -8.47 11.39
N PRO C 31 -1.64 -9.80 11.35
CA PRO C 31 -1.52 -10.47 10.04
C PRO C 31 -2.74 -10.32 9.16
N GLN C 32 -3.85 -9.77 9.66
CA GLN C 32 -4.98 -9.54 8.78
C GLN C 32 -4.83 -8.24 8.00
N GLN C 33 -4.42 -7.16 8.66
CA GLN C 33 -4.09 -5.94 7.92
C GLN C 33 -2.90 -6.17 6.99
N ILE C 34 -1.90 -6.94 7.44
CA ILE C 34 -0.73 -7.22 6.61
C ILE C 34 -1.13 -8.03 5.39
N ASP C 35 -1.99 -9.03 5.58
CA ASP C 35 -2.42 -9.86 4.45
C ASP C 35 -3.21 -9.03 3.46
N ALA C 36 -4.12 -8.18 3.94
CA ALA C 36 -4.90 -7.36 3.02
C ALA C 36 -4.00 -6.45 2.21
N LEU C 37 -3.01 -5.83 2.86
CA LEU C 37 -2.07 -4.99 2.16
C LEU C 37 -1.28 -5.77 1.12
N ARG C 38 -0.75 -6.93 1.51
CA ARG C 38 -0.03 -7.74 0.55
C ARG C 38 -0.92 -8.12 -0.64
N THR C 39 -2.17 -8.47 -0.35
CA THR C 39 -3.09 -8.86 -1.42
C THR C 39 -3.35 -7.71 -2.38
N LEU C 40 -3.59 -6.52 -1.84
CA LEU C 40 -3.85 -5.37 -2.71
C LEU C 40 -2.63 -5.05 -3.56
N ILE C 41 -1.44 -5.07 -2.95
CA ILE C 41 -0.24 -4.73 -3.73
C ILE C 41 -0.03 -5.73 -4.85
N ARG C 42 -0.21 -7.03 -4.56
CA ARG C 42 -0.07 -8.04 -5.61
C ARG C 42 -1.09 -7.83 -6.74
N LEU C 43 -2.36 -7.61 -6.39
CA LEU C 43 -3.36 -7.39 -7.44
C LEU C 43 -3.07 -6.12 -8.23
N GLY C 44 -2.54 -5.09 -7.56
CA GLY C 44 -2.26 -3.85 -8.25
C GLY C 44 -0.95 -3.81 -8.99
N SER C 45 -0.17 -4.87 -8.96
CA SER C 45 1.20 -4.86 -9.47
C SER C 45 1.23 -4.95 -10.99
N LEU C 46 1.82 -3.95 -11.64
CA LEU C 46 1.96 -4.02 -13.08
C LEU C 46 3.23 -4.75 -13.50
N HIS C 47 4.28 -4.74 -12.68
CA HIS C 47 5.51 -5.41 -13.09
C HIS C 47 5.35 -6.91 -13.14
N THR C 48 4.55 -7.50 -12.24
CA THR C 48 4.43 -8.95 -12.25
C THR C 48 3.93 -9.51 -13.58
N PRO C 49 2.80 -9.05 -14.15
CA PRO C 49 2.40 -9.64 -15.44
C PRO C 49 3.36 -9.29 -16.55
N MET C 50 4.05 -8.14 -16.46
CA MET C 50 5.01 -7.81 -17.49
C MET C 50 6.26 -8.68 -17.37
N VAL C 51 6.61 -9.09 -16.15
CA VAL C 51 7.69 -10.06 -15.98
C VAL C 51 7.31 -11.41 -16.59
N VAL C 52 6.07 -11.86 -16.35
CA VAL C 52 5.61 -13.10 -16.98
C VAL C 52 5.69 -12.99 -18.49
N ARG C 53 5.13 -11.91 -19.03
CA ARG C 53 5.09 -11.73 -20.47
C ARG C 53 6.50 -11.59 -21.05
N THR C 54 7.40 -10.91 -20.32
CA THR C 54 8.78 -10.83 -20.79
C THR C 54 9.43 -12.21 -20.82
N ALA C 55 9.23 -13.01 -19.78
CA ALA C 55 9.77 -14.38 -19.79
C ALA C 55 9.22 -15.19 -20.96
N ALA C 56 7.91 -15.05 -21.22
CA ALA C 56 7.31 -15.77 -22.35
C ALA C 56 7.93 -15.31 -23.66
N THR C 57 8.09 -13.99 -23.82
CA THR C 57 8.56 -13.41 -25.07
C THR C 57 10.02 -13.76 -25.34
N LEU C 58 10.85 -13.76 -24.29
CA LEU C 58 12.25 -14.19 -24.43
C LEU C 58 12.40 -15.70 -24.50
N ARG C 59 11.30 -16.46 -24.39
CA ARG C 59 11.35 -17.92 -24.45
C ARG C 59 12.29 -18.50 -23.40
N LEU C 60 12.30 -17.87 -22.22
CA LEU C 60 13.29 -18.24 -21.20
C LEU C 60 13.15 -19.68 -20.76
N VAL C 61 11.91 -20.14 -20.51
CA VAL C 61 11.72 -21.49 -20.02
C VAL C 61 12.23 -22.51 -21.04
N ASP C 62 11.94 -22.29 -22.33
CA ASP C 62 12.47 -23.18 -23.37
C ASP C 62 13.99 -23.23 -23.32
N HIS C 63 14.64 -22.07 -23.16
CA HIS C 63 16.10 -22.05 -23.18
C HIS C 63 16.67 -22.75 -21.96
N ILE C 64 16.04 -22.59 -20.80
CA ILE C 64 16.47 -23.32 -19.61
C ILE C 64 16.34 -24.81 -19.83
N LEU C 65 15.16 -25.25 -20.29
CA LEU C 65 14.94 -26.67 -20.52
C LEU C 65 15.91 -27.23 -21.55
N ALA C 66 16.39 -26.40 -22.47
CA ALA C 66 17.38 -26.85 -23.44
C ALA C 66 18.80 -26.84 -22.90
N GLY C 67 19.02 -26.34 -21.68
CA GLY C 67 20.33 -26.50 -21.05
C GLY C 67 20.95 -25.24 -20.46
N ALA C 68 20.40 -24.07 -20.75
CA ALA C 68 20.97 -22.81 -20.25
C ALA C 68 20.33 -22.52 -18.90
N ARG C 69 20.98 -22.97 -17.82
CA ARG C 69 20.39 -22.82 -16.50
C ARG C 69 21.02 -21.70 -15.67
N THR C 70 22.18 -21.22 -16.05
CA THR C 70 22.80 -20.11 -15.34
C THR C 70 22.39 -18.78 -15.98
N VAL C 71 22.48 -17.71 -15.19
CA VAL C 71 22.26 -16.38 -15.72
C VAL C 71 23.18 -16.11 -16.91
N LYS C 72 24.46 -16.48 -16.79
CA LYS C 72 25.38 -16.12 -17.87
C LYS C 72 25.08 -16.90 -19.15
N ALA C 73 24.65 -18.16 -19.04
CA ALA C 73 24.30 -18.93 -20.23
C ALA C 73 23.00 -18.42 -20.85
N LEU C 74 22.01 -18.09 -20.01
N LEU C 74 22.03 -18.08 -20.00
CA LEU C 74 20.73 -17.62 -20.50
CA LEU C 74 20.73 -17.63 -20.50
C LEU C 74 20.87 -16.24 -21.14
C LEU C 74 20.82 -16.23 -21.10
N ALA C 75 21.70 -15.38 -20.54
CA ALA C 75 21.93 -14.06 -21.11
C ALA C 75 22.53 -14.17 -22.50
N ALA C 76 23.47 -15.09 -22.68
CA ALA C 76 24.07 -15.30 -23.99
C ALA C 76 23.05 -15.86 -24.98
N ARG C 77 22.21 -16.78 -24.52
CA ARG C 77 21.21 -17.35 -25.40
C ARG C 77 20.16 -16.32 -25.84
N THR C 78 19.85 -15.36 -24.98
CA THR C 78 18.82 -14.35 -25.26
C THR C 78 19.42 -12.99 -25.65
N ASP C 79 20.74 -12.87 -25.68
CA ASP C 79 21.45 -11.59 -25.82
C ASP C 79 20.87 -10.51 -24.90
N THR C 80 20.71 -10.85 -23.63
CA THR C 80 20.29 -9.85 -22.67
C THR C 80 21.50 -9.51 -21.81
N ARG C 81 21.42 -8.38 -21.13
CA ARG C 81 22.48 -7.95 -20.23
C ARG C 81 22.43 -8.80 -18.97
N PRO C 82 23.52 -9.48 -18.59
CA PRO C 82 23.41 -10.47 -17.49
C PRO C 82 22.85 -9.93 -16.19
N GLU C 83 23.28 -8.75 -15.74
CA GLU C 83 22.77 -8.25 -14.46
C GLU C 83 21.28 -7.92 -14.55
N ALA C 84 20.84 -7.42 -15.69
CA ALA C 84 19.41 -7.13 -15.85
C ALA C 84 18.60 -8.41 -15.93
N LEU C 85 19.15 -9.45 -16.58
CA LEU C 85 18.44 -10.73 -16.65
C LEU C 85 18.36 -11.37 -15.27
N LEU C 86 19.43 -11.29 -14.48
CA LEU C 86 19.34 -11.76 -13.10
C LEU C 86 18.20 -11.09 -12.36
N ARG C 87 18.00 -9.79 -12.59
CA ARG C 87 16.97 -9.07 -11.85
C ARG C 87 15.58 -9.49 -12.28
N LEU C 88 15.42 -9.86 -13.56
CA LEU C 88 14.16 -10.46 -14.01
C LEU C 88 13.95 -11.83 -13.39
N ILE C 89 15.00 -12.65 -13.40
CA ILE C 89 14.93 -14.00 -12.83
C ILE C 89 14.57 -13.92 -11.35
N ARG C 90 15.11 -12.92 -10.64
CA ARG C 90 14.80 -12.81 -9.22
C ARG C 90 13.29 -12.70 -8.98
N HIS C 91 12.59 -11.93 -9.81
CA HIS C 91 11.15 -11.82 -9.63
C HIS C 91 10.43 -13.10 -10.07
N LEU C 92 10.90 -13.75 -11.14
CA LEU C 92 10.32 -15.04 -11.54
C LEU C 92 10.44 -16.07 -10.42
N VAL C 93 11.52 -16.04 -9.65
CA VAL C 93 11.63 -16.92 -8.48
C VAL C 93 10.67 -16.48 -7.40
N ALA C 94 10.62 -15.17 -7.12
CA ALA C 94 9.75 -14.65 -6.07
C ALA C 94 8.30 -15.05 -6.29
N ILE C 95 7.84 -15.06 -7.55
CA ILE C 95 6.43 -15.37 -7.83
C ILE C 95 6.21 -16.83 -8.16
N GLY C 96 7.24 -17.67 -8.05
CA GLY C 96 7.05 -19.11 -8.15
C GLY C 96 7.05 -19.69 -9.54
N LEU C 97 7.64 -19.00 -10.53
CA LEU C 97 7.75 -19.56 -11.88
C LEU C 97 9.07 -20.27 -12.09
N LEU C 98 10.12 -19.84 -11.39
CA LEU C 98 11.42 -20.48 -11.43
C LEU C 98 11.85 -20.78 -10.00
N GLU C 99 12.81 -21.68 -9.86
CA GLU C 99 13.40 -21.98 -8.57
C GLU C 99 14.88 -22.26 -8.76
N GLU C 100 15.65 -21.93 -7.72
CA GLU C 100 17.11 -22.11 -7.74
C GLU C 100 17.40 -23.55 -7.32
N ASP C 101 17.76 -24.39 -8.28
CA ASP C 101 18.07 -25.79 -8.04
C ASP C 101 19.40 -25.86 -7.32
N ALA C 102 20.48 -25.92 -8.09
CA ALA C 102 21.84 -25.77 -7.58
C ALA C 102 22.18 -24.28 -7.47
N PRO C 103 23.27 -23.94 -6.77
CA PRO C 103 23.69 -22.52 -6.70
C PRO C 103 23.85 -21.92 -8.09
N GLY C 104 23.15 -20.81 -8.32
CA GLY C 104 23.24 -20.10 -9.59
C GLY C 104 22.59 -20.79 -10.76
N GLU C 105 21.86 -21.89 -10.54
CA GLU C 105 21.17 -22.61 -11.60
C GLU C 105 19.67 -22.54 -11.36
N PHE C 106 18.92 -22.17 -12.38
CA PHE C 106 17.48 -21.97 -12.25
C PHE C 106 16.75 -22.95 -13.15
N VAL C 107 15.58 -23.40 -12.67
CA VAL C 107 14.73 -24.30 -13.45
C VAL C 107 13.29 -23.91 -13.23
N PRO C 108 12.42 -24.22 -14.19
CA PRO C 108 11.02 -23.88 -14.05
C PRO C 108 10.35 -24.71 -12.98
N THR C 109 9.41 -24.08 -12.26
CA THR C 109 8.50 -24.80 -11.37
C THR C 109 7.40 -25.47 -12.21
N GLU C 110 6.51 -26.20 -11.53
CA GLU C 110 5.39 -26.81 -12.24
C GLU C 110 4.57 -25.76 -12.97
N VAL C 111 4.44 -24.56 -12.38
CA VAL C 111 3.73 -23.47 -13.03
C VAL C 111 4.57 -22.88 -14.17
N GLY C 112 5.86 -22.68 -13.94
CA GLY C 112 6.70 -22.13 -14.99
C GLY C 112 6.79 -23.04 -16.20
N GLU C 113 6.64 -24.36 -15.99
CA GLU C 113 6.64 -25.31 -17.10
C GLU C 113 5.56 -25.02 -18.13
N LEU C 114 4.51 -24.33 -17.73
CA LEU C 114 3.46 -23.95 -18.65
C LEU C 114 3.90 -22.92 -19.68
N LEU C 115 5.06 -22.28 -19.49
CA LEU C 115 5.59 -21.39 -20.51
C LEU C 115 6.47 -22.11 -21.53
N ALA C 116 6.63 -23.42 -21.42
CA ALA C 116 7.32 -24.15 -22.48
C ALA C 116 6.49 -24.06 -23.74
N ASP C 117 7.17 -23.87 -24.87
CA ASP C 117 6.47 -23.54 -26.10
C ASP C 117 5.53 -24.65 -26.55
N ASP C 118 5.84 -25.91 -26.22
CA ASP C 118 5.02 -27.03 -26.67
C ASP C 118 3.97 -27.44 -25.65
N HIS C 119 3.76 -26.67 -24.59
CA HIS C 119 2.71 -27.03 -23.65
C HIS C 119 1.33 -26.84 -24.31
N PRO C 120 0.41 -27.81 -24.16
CA PRO C 120 -0.83 -27.76 -24.93
C PRO C 120 -1.75 -26.59 -24.57
N ALA C 121 -1.59 -25.97 -23.41
CA ALA C 121 -2.40 -24.80 -23.10
C ALA C 121 -1.89 -23.53 -23.78
N ALA C 122 -0.74 -23.61 -24.46
CA ALA C 122 -0.22 -22.54 -25.32
C ALA C 122 -0.02 -21.23 -24.57
N GLN C 123 0.20 -21.29 -23.26
CA GLN C 123 0.31 -20.05 -22.52
C GLN C 123 1.55 -19.25 -22.87
N ARG C 124 2.58 -19.84 -23.47
CA ARG C 124 3.71 -19.01 -23.89
C ARG C 124 3.28 -18.05 -24.99
N ALA C 125 2.59 -18.56 -26.01
CA ALA C 125 2.12 -17.72 -27.11
C ALA C 125 1.10 -16.71 -26.63
N TRP C 126 0.19 -17.12 -25.73
CA TRP C 126 -0.80 -16.17 -25.24
C TRP C 126 -0.18 -15.05 -24.41
N HIS C 127 1.06 -15.21 -23.93
CA HIS C 127 1.74 -14.15 -23.20
C HIS C 127 2.88 -13.53 -23.98
N ASP C 128 3.05 -13.89 -25.24
CA ASP C 128 4.16 -13.37 -26.06
C ASP C 128 3.76 -12.00 -26.61
N LEU C 129 4.54 -10.98 -26.25
CA LEU C 129 4.24 -9.59 -26.59
C LEU C 129 4.38 -9.28 -28.07
N THR C 130 4.96 -10.18 -28.85
CA THR C 130 5.02 -9.99 -30.29
C THR C 130 3.85 -10.66 -30.99
N GLN C 131 3.06 -11.45 -30.27
CA GLN C 131 1.87 -12.07 -30.85
C GLN C 131 0.64 -11.24 -30.50
N ALA C 132 -0.47 -11.55 -31.15
CA ALA C 132 -1.51 -10.55 -31.33
C ALA C 132 -2.21 -10.18 -30.02
N VAL C 133 -2.40 -11.14 -29.11
CA VAL C 133 -3.28 -10.88 -27.98
C VAL C 133 -2.54 -10.13 -26.88
N ALA C 134 -1.36 -10.62 -26.48
CA ALA C 134 -0.60 -9.89 -25.46
C ALA C 134 -0.18 -8.52 -25.96
N ARG C 135 0.08 -8.38 -27.27
CA ARG C 135 0.28 -7.05 -27.83
C ARG C 135 -0.98 -6.20 -27.70
N ALA C 136 -2.15 -6.79 -28.00
CA ALA C 136 -3.38 -6.02 -27.85
C ALA C 136 -3.64 -5.65 -26.40
N ASP C 137 -3.22 -6.48 -25.44
CA ASP C 137 -3.44 -6.18 -24.02
C ASP C 137 -2.81 -4.87 -23.57
N ILE C 138 -1.83 -4.34 -24.31
CA ILE C 138 -1.29 -3.03 -23.95
C ILE C 138 -2.41 -1.98 -23.95
N SER C 139 -3.52 -2.27 -24.66
CA SER C 139 -4.71 -1.42 -24.62
C SER C 139 -5.18 -1.14 -23.20
N PHE C 140 -4.91 -2.07 -22.28
CA PHE C 140 -5.37 -1.88 -20.90
C PHE C 140 -4.65 -0.73 -20.21
N THR C 141 -3.51 -0.28 -20.74
CA THR C 141 -2.83 0.87 -20.14
C THR C 141 -3.68 2.13 -20.21
N ARG C 142 -4.70 2.16 -21.06
CA ARG C 142 -5.58 3.31 -21.16
C ARG C 142 -7.00 2.94 -20.74
N LEU C 143 -7.12 1.97 -19.83
CA LEU C 143 -8.44 1.58 -19.33
C LEU C 143 -9.30 2.75 -18.86
N PRO C 144 -8.79 3.78 -18.15
CA PRO C 144 -9.70 4.86 -17.72
C PRO C 144 -10.45 5.50 -18.88
N ASP C 145 -9.81 5.66 -20.04
CA ASP C 145 -10.50 6.18 -21.23
C ASP C 145 -11.67 5.27 -21.62
N ALA C 146 -11.47 3.95 -21.58
CA ALA C 146 -12.54 3.06 -22.00
C ALA C 146 -13.68 3.03 -20.98
N ILE C 147 -13.38 3.22 -19.69
CA ILE C 147 -14.45 3.29 -18.72
C ILE C 147 -15.23 4.60 -18.88
N ARG C 148 -14.56 5.67 -19.31
CA ARG C 148 -15.23 6.96 -19.47
C ARG C 148 -16.21 6.94 -20.63
N THR C 149 -15.82 6.32 -21.76
CA THR C 149 -16.60 6.36 -22.99
C THR C 149 -17.16 5.02 -23.43
N GLY C 150 -16.64 3.90 -22.94
CA GLY C 150 -17.02 2.61 -23.47
C GLY C 150 -16.40 2.28 -24.82
N ARG C 151 -15.52 3.12 -25.32
CA ARG C 151 -14.91 2.95 -26.63
C ARG C 151 -13.52 2.33 -26.50
N PRO C 152 -13.11 1.55 -27.50
CA PRO C 152 -11.82 0.85 -27.41
C PRO C 152 -10.63 1.81 -27.45
N THR C 153 -9.53 1.36 -26.85
CA THR C 153 -8.30 2.13 -26.79
C THR C 153 -7.21 1.61 -27.70
N TYR C 154 -7.46 0.47 -28.37
CA TYR C 154 -6.44 -0.17 -29.19
C TYR C 154 -5.94 0.77 -30.28
N GLU C 155 -6.84 1.48 -30.94
CA GLU C 155 -6.44 2.35 -32.05
C GLU C 155 -5.55 3.48 -31.56
N SER C 156 -5.84 4.03 -30.38
CA SER C 156 -5.01 5.12 -29.87
C SER C 156 -3.59 4.68 -29.60
N ILE C 157 -3.36 3.38 -29.46
CA ILE C 157 -2.02 2.85 -29.26
C ILE C 157 -1.37 2.40 -30.57
N TYR C 158 -2.11 1.69 -31.42
CA TYR C 158 -1.49 1.04 -32.57
C TYR C 158 -1.81 1.68 -33.91
N GLY C 159 -2.75 2.63 -33.97
CA GLY C 159 -2.95 3.46 -35.12
C GLY C 159 -4.16 3.12 -35.97
N LYS C 160 -4.70 1.92 -35.80
CA LYS C 160 -5.87 1.45 -36.53
C LYS C 160 -6.73 0.63 -35.57
N PRO C 161 -8.02 0.52 -35.85
CA PRO C 161 -8.86 -0.41 -35.08
C PRO C 161 -8.39 -1.85 -35.27
N PHE C 162 -8.75 -2.69 -34.30
CA PHE C 162 -8.22 -4.04 -34.15
C PHE C 162 -8.10 -4.83 -35.45
N TYR C 163 -9.21 -5.07 -36.14
CA TYR C 163 -9.15 -5.91 -37.33
C TYR C 163 -8.53 -5.21 -38.54
N GLU C 164 -8.56 -3.87 -38.58
CA GLU C 164 -7.80 -3.17 -39.61
C GLU C 164 -6.31 -3.28 -39.37
N ASP C 165 -5.90 -3.25 -38.09
CA ASP C 165 -4.49 -3.44 -37.76
C ASP C 165 -4.02 -4.82 -38.15
N LEU C 166 -4.83 -5.86 -37.84
CA LEU C 166 -4.51 -7.22 -38.27
C LEU C 166 -4.45 -7.31 -39.79
N ALA C 167 -5.35 -6.61 -40.48
CA ALA C 167 -5.35 -6.67 -41.94
C ALA C 167 -4.05 -6.16 -42.53
N GLY C 168 -3.46 -5.13 -41.91
CA GLY C 168 -2.20 -4.58 -42.36
C GLY C 168 -0.97 -5.26 -41.82
N ARG C 169 -1.13 -6.26 -40.98
CA ARG C 169 -0.01 -6.99 -40.37
C ARG C 169 -0.28 -8.48 -40.49
N PRO C 170 -0.01 -9.06 -41.66
CA PRO C 170 -0.31 -10.49 -41.87
C PRO C 170 0.29 -11.40 -40.81
N ASP C 171 1.41 -11.01 -40.20
CA ASP C 171 1.98 -11.83 -39.12
C ASP C 171 1.08 -11.81 -37.88
N LEU C 172 0.49 -10.65 -37.54
CA LEU C 172 -0.42 -10.58 -36.40
C LEU C 172 -1.76 -11.25 -36.73
N ARG C 173 -2.21 -11.11 -37.98
CA ARG C 173 -3.40 -11.82 -38.42
C ARG C 173 -3.25 -13.32 -38.20
N ALA C 174 -2.13 -13.87 -38.64
CA ALA C 174 -1.89 -15.32 -38.50
C ALA C 174 -1.70 -15.69 -37.05
N SER C 175 -1.03 -14.82 -36.29
CA SER C 175 -0.87 -15.05 -34.85
C SER C 175 -2.22 -15.09 -34.14
N PHE C 176 -3.07 -14.12 -34.44
CA PHE C 176 -4.40 -14.11 -33.84
C PHE C 176 -5.18 -15.37 -34.19
N ASP C 177 -5.16 -15.76 -35.47
CA ASP C 177 -5.94 -16.92 -35.89
C ASP C 177 -5.46 -18.20 -35.22
N SER C 178 -4.14 -18.35 -35.07
CA SER C 178 -3.60 -19.56 -34.46
C SER C 178 -3.82 -19.58 -32.95
N LEU C 179 -3.85 -18.43 -32.28
CA LEU C 179 -4.18 -18.40 -30.86
C LEU C 179 -5.61 -18.91 -30.61
N LEU C 180 -6.59 -18.34 -31.31
CA LEU C 180 -7.97 -18.78 -31.12
C LEU C 180 -8.16 -20.24 -31.52
N ALA C 181 -7.40 -20.72 -32.50
CA ALA C 181 -7.51 -22.08 -32.99
C ALA C 181 -6.52 -23.03 -32.33
N CYS C 182 -5.88 -22.61 -31.23
CA CYS C 182 -4.91 -23.49 -30.59
C CYS C 182 -5.58 -24.74 -30.01
N ASP C 183 -6.89 -24.65 -29.74
CA ASP C 183 -7.68 -25.75 -29.23
C ASP C 183 -8.57 -26.37 -30.31
N GLN C 184 -8.24 -26.13 -31.58
CA GLN C 184 -9.23 -26.25 -32.65
C GLN C 184 -9.69 -27.69 -32.89
N ASP C 185 -8.83 -28.67 -32.68
CA ASP C 185 -9.15 -30.04 -33.07
C ASP C 185 -10.28 -30.65 -32.26
N VAL C 186 -10.65 -30.06 -31.13
CA VAL C 186 -11.61 -30.66 -30.22
C VAL C 186 -12.62 -29.62 -29.73
N ALA C 187 -12.21 -28.34 -29.73
CA ALA C 187 -13.04 -27.31 -29.10
C ALA C 187 -14.41 -27.15 -29.74
N PHE C 188 -14.59 -27.60 -30.97
CA PHE C 188 -15.89 -27.51 -31.64
C PHE C 188 -16.65 -28.83 -31.66
N ASP C 189 -16.11 -29.88 -31.03
CA ASP C 189 -16.83 -31.15 -30.97
C ASP C 189 -18.13 -31.01 -30.19
N ALA C 190 -18.07 -30.41 -29.00
CA ALA C 190 -19.28 -30.24 -28.20
C ALA C 190 -20.36 -29.44 -28.90
N PRO C 191 -20.11 -28.25 -29.45
CA PRO C 191 -21.22 -27.51 -30.10
C PRO C 191 -21.75 -28.22 -31.33
N ALA C 192 -20.89 -28.85 -32.12
CA ALA C 192 -21.36 -29.58 -33.29
C ALA C 192 -22.26 -30.75 -32.88
N ALA C 193 -21.95 -31.40 -31.75
CA ALA C 193 -22.74 -32.54 -31.32
C ALA C 193 -24.05 -32.14 -30.66
N ALA C 194 -24.18 -30.88 -30.26
CA ALA C 194 -25.36 -30.40 -29.56
C ALA C 194 -26.47 -29.94 -30.50
N TYR C 195 -26.23 -29.93 -31.81
CA TYR C 195 -27.23 -29.52 -32.78
C TYR C 195 -27.57 -30.69 -33.72
N ASP C 196 -28.82 -30.75 -34.17
CA ASP C 196 -29.29 -31.82 -35.05
C ASP C 196 -29.20 -31.35 -36.50
N TRP C 197 -28.30 -31.99 -37.26
CA TRP C 197 -28.02 -31.62 -38.65
C TRP C 197 -28.83 -32.40 -39.66
N THR C 198 -29.77 -33.24 -39.21
CA THR C 198 -30.48 -34.14 -40.12
C THR C 198 -31.16 -33.36 -41.24
N ASN C 199 -31.86 -32.27 -40.90
CA ASN C 199 -32.57 -31.47 -41.89
C ASN C 199 -31.78 -30.25 -42.31
N VAL C 200 -30.46 -30.25 -42.14
CA VAL C 200 -29.60 -29.18 -42.61
C VAL C 200 -28.93 -29.63 -43.89
N ARG C 201 -29.04 -28.84 -44.95
CA ARG C 201 -28.29 -29.10 -46.17
C ARG C 201 -27.04 -28.25 -46.28
N HIS C 202 -27.12 -26.96 -45.96
CA HIS C 202 -25.97 -26.09 -46.04
C HIS C 202 -25.80 -25.29 -44.76
N VAL C 203 -24.57 -25.21 -44.28
CA VAL C 203 -24.18 -24.41 -43.12
C VAL C 203 -23.29 -23.29 -43.63
N LEU C 204 -23.49 -22.08 -43.08
CA LEU C 204 -22.64 -20.94 -43.35
C LEU C 204 -22.05 -20.47 -42.02
N ASP C 205 -20.73 -20.57 -41.87
CA ASP C 205 -20.06 -20.12 -40.65
C ASP C 205 -19.54 -18.70 -40.86
N VAL C 206 -20.23 -17.72 -40.30
CA VAL C 206 -19.94 -16.31 -40.52
C VAL C 206 -18.85 -15.86 -39.54
N GLY C 207 -17.70 -15.47 -40.07
CA GLY C 207 -16.56 -15.19 -39.22
C GLY C 207 -15.96 -16.46 -38.64
N GLY C 208 -15.87 -17.52 -39.44
CA GLY C 208 -15.59 -18.87 -38.99
C GLY C 208 -14.16 -19.23 -38.66
N GLY C 209 -13.26 -18.25 -38.57
CA GLY C 209 -11.90 -18.53 -38.13
C GLY C 209 -11.16 -19.41 -39.13
N LYS C 210 -10.41 -20.39 -38.60
CA LYS C 210 -9.66 -21.31 -39.45
C LYS C 210 -10.51 -22.47 -39.96
N GLY C 211 -11.81 -22.46 -39.74
CA GLY C 211 -12.66 -23.51 -40.22
C GLY C 211 -12.90 -24.65 -39.25
N GLY C 212 -12.44 -24.53 -38.00
CA GLY C 212 -12.60 -25.62 -37.05
C GLY C 212 -14.04 -26.01 -36.85
N PHE C 213 -14.91 -25.03 -36.61
CA PHE C 213 -16.34 -25.32 -36.39
C PHE C 213 -16.94 -26.02 -37.61
N ALA C 214 -16.76 -25.43 -38.79
CA ALA C 214 -17.31 -26.04 -40.01
C ALA C 214 -16.79 -27.45 -40.19
N ALA C 215 -15.51 -27.70 -39.87
CA ALA C 215 -14.94 -29.03 -40.02
C ALA C 215 -15.59 -30.02 -39.05
N ALA C 216 -15.69 -29.63 -37.77
CA ALA C 216 -16.34 -30.49 -36.79
C ALA C 216 -17.74 -30.88 -37.25
N ILE C 217 -18.52 -29.90 -37.72
CA ILE C 217 -19.84 -30.20 -38.28
C ILE C 217 -19.72 -31.18 -39.44
N ALA C 218 -18.70 -31.00 -40.28
CA ALA C 218 -18.54 -31.87 -41.44
C ALA C 218 -18.25 -33.31 -41.03
N ARG C 219 -17.55 -33.51 -39.92
CA ARG C 219 -17.32 -34.86 -39.44
C ARG C 219 -18.59 -35.46 -38.83
N ARG C 220 -19.30 -34.66 -38.03
CA ARG C 220 -20.49 -35.15 -37.35
C ARG C 220 -21.61 -35.46 -38.33
N ALA C 221 -21.70 -34.70 -39.42
CA ALA C 221 -22.79 -34.80 -40.39
C ALA C 221 -22.21 -34.88 -41.77
N PRO C 222 -21.78 -36.07 -42.20
CA PRO C 222 -21.17 -36.20 -43.54
C PRO C 222 -22.05 -35.72 -44.67
N HIS C 223 -23.37 -35.69 -44.49
CA HIS C 223 -24.25 -35.24 -45.58
C HIS C 223 -24.22 -33.73 -45.77
N VAL C 224 -23.80 -32.97 -44.76
CA VAL C 224 -23.87 -31.51 -44.81
C VAL C 224 -22.72 -30.96 -45.63
N SER C 225 -23.01 -29.92 -46.42
CA SER C 225 -21.98 -29.05 -46.98
C SER C 225 -21.91 -27.76 -46.15
N ALA C 226 -20.74 -27.13 -46.16
CA ALA C 226 -20.50 -25.98 -45.29
C ALA C 226 -19.68 -24.93 -46.03
N THR C 227 -19.79 -23.69 -45.56
CA THR C 227 -19.07 -22.56 -46.14
C THR C 227 -18.58 -21.67 -45.00
N VAL C 228 -17.28 -21.38 -45.01
CA VAL C 228 -16.66 -20.46 -44.06
C VAL C 228 -16.52 -19.11 -44.73
N LEU C 229 -17.07 -18.08 -44.11
CA LEU C 229 -16.90 -16.71 -44.56
C LEU C 229 -15.92 -16.02 -43.62
N GLU C 230 -14.87 -15.41 -44.17
CA GLU C 230 -13.81 -14.85 -43.34
C GLU C 230 -13.12 -13.71 -44.06
N MET C 231 -12.11 -13.14 -43.39
CA MET C 231 -11.38 -12.00 -43.91
C MET C 231 -10.15 -12.46 -44.67
N ALA C 232 -9.59 -11.53 -45.44
CA ALA C 232 -8.31 -11.77 -46.11
C ALA C 232 -7.29 -12.33 -45.13
N GLY C 233 -6.42 -13.20 -45.64
CA GLY C 233 -5.43 -13.82 -44.79
C GLY C 233 -6.00 -15.04 -44.13
N THR C 234 -6.97 -14.85 -43.23
CA THR C 234 -7.62 -15.95 -42.54
C THR C 234 -8.23 -16.96 -43.52
N VAL C 235 -8.78 -16.49 -44.64
CA VAL C 235 -9.37 -17.44 -45.61
C VAL C 235 -8.34 -18.44 -46.10
N ASP C 236 -7.06 -18.06 -46.15
CA ASP C 236 -6.05 -18.94 -46.73
C ASP C 236 -5.62 -20.05 -45.76
N THR C 237 -5.45 -19.73 -44.48
CA THR C 237 -5.17 -20.79 -43.51
C THR C 237 -6.40 -21.64 -43.24
N ALA C 238 -7.59 -21.09 -43.50
CA ALA C 238 -8.79 -21.92 -43.43
C ALA C 238 -8.79 -22.93 -44.57
N ARG C 239 -8.63 -22.47 -45.82
CA ARG C 239 -8.56 -23.40 -46.94
C ARG C 239 -7.46 -24.42 -46.72
N SER C 240 -6.33 -24.01 -46.16
CA SER C 240 -5.22 -24.93 -45.95
C SER C 240 -5.54 -25.93 -44.83
N TYR C 241 -6.24 -25.50 -43.78
CA TYR C 241 -6.61 -26.44 -42.72
C TYR C 241 -7.62 -27.47 -43.21
N LEU C 242 -8.63 -27.03 -43.97
CA LEU C 242 -9.65 -27.94 -44.45
C LEU C 242 -9.11 -28.89 -45.50
N LYS C 243 -8.14 -28.45 -46.30
CA LYS C 243 -7.47 -29.36 -47.22
C LYS C 243 -6.66 -30.41 -46.45
N ASP C 244 -5.92 -29.98 -45.43
CA ASP C 244 -5.22 -30.93 -44.58
C ASP C 244 -6.19 -31.92 -43.93
N GLU C 245 -7.42 -31.50 -43.66
CA GLU C 245 -8.43 -32.42 -43.14
C GLU C 245 -9.12 -33.21 -44.24
N GLY C 246 -8.84 -32.93 -45.50
CA GLY C 246 -9.51 -33.61 -46.59
C GLY C 246 -10.98 -33.26 -46.71
N LEU C 247 -11.37 -32.06 -46.31
CA LEU C 247 -12.77 -31.66 -46.34
C LEU C 247 -13.07 -30.60 -47.40
N SER C 248 -12.12 -30.33 -48.31
CA SER C 248 -12.28 -29.28 -49.31
C SER C 248 -13.47 -29.52 -50.22
N ASP C 249 -13.80 -30.79 -50.47
CA ASP C 249 -14.95 -31.11 -51.32
C ASP C 249 -16.28 -30.75 -50.66
N ARG C 250 -16.27 -30.54 -49.35
CA ARG C 250 -17.50 -30.35 -48.59
C ARG C 250 -17.58 -29.00 -47.89
N VAL C 251 -16.44 -28.42 -47.51
CA VAL C 251 -16.38 -27.11 -46.86
C VAL C 251 -15.53 -26.21 -47.73
N ASP C 252 -16.13 -25.15 -48.26
CA ASP C 252 -15.38 -24.15 -49.01
C ASP C 252 -15.24 -22.87 -48.18
N VAL C 253 -14.38 -21.97 -48.66
CA VAL C 253 -14.09 -20.72 -47.95
C VAL C 253 -14.31 -19.55 -48.90
N VAL C 254 -15.02 -18.53 -48.43
CA VAL C 254 -15.30 -17.32 -49.20
C VAL C 254 -14.79 -16.13 -48.41
N GLU C 255 -14.03 -15.25 -49.08
CA GLU C 255 -13.62 -13.99 -48.48
C GLU C 255 -14.75 -12.98 -48.59
N GLY C 256 -15.04 -12.28 -47.50
CA GLY C 256 -16.16 -11.35 -47.53
C GLY C 256 -16.28 -10.57 -46.24
N ASP C 257 -17.24 -9.66 -46.25
CA ASP C 257 -17.49 -8.75 -45.14
C ASP C 257 -18.91 -9.03 -44.65
N PHE C 258 -19.04 -9.43 -43.38
CA PHE C 258 -20.36 -9.85 -42.94
C PHE C 258 -21.28 -8.67 -42.60
N PHE C 259 -20.81 -7.42 -42.77
CA PHE C 259 -21.74 -6.31 -42.73
C PHE C 259 -22.47 -6.14 -44.06
N GLU C 260 -21.94 -6.76 -45.11
CA GLU C 260 -22.56 -6.78 -46.43
C GLU C 260 -23.57 -7.92 -46.52
N PRO C 261 -24.39 -7.94 -47.56
CA PRO C 261 -25.24 -9.13 -47.80
C PRO C 261 -24.37 -10.38 -47.88
N LEU C 262 -24.84 -11.45 -47.25
CA LEU C 262 -24.05 -12.66 -47.19
C LEU C 262 -24.04 -13.37 -48.55
N PRO C 263 -22.93 -14.02 -48.91
CA PRO C 263 -22.79 -14.55 -50.28
C PRO C 263 -23.76 -15.67 -50.65
N ARG C 264 -24.45 -16.29 -49.68
CA ARG C 264 -25.45 -17.29 -50.04
C ARG C 264 -26.35 -17.57 -48.85
N LYS C 265 -27.49 -18.21 -49.14
CA LYS C 265 -28.40 -18.64 -48.10
C LYS C 265 -27.93 -19.97 -47.50
N ALA C 266 -28.45 -20.29 -46.31
CA ALA C 266 -28.11 -21.51 -45.61
C ALA C 266 -29.25 -21.88 -44.67
N ASP C 267 -29.29 -23.16 -44.27
CA ASP C 267 -30.23 -23.65 -43.28
C ASP C 267 -29.75 -23.37 -41.85
N ALA C 268 -28.46 -23.21 -41.66
CA ALA C 268 -27.90 -22.94 -40.34
C ALA C 268 -26.77 -21.96 -40.54
N ILE C 269 -26.82 -20.86 -39.81
CA ILE C 269 -25.81 -19.80 -39.91
C ILE C 269 -25.17 -19.67 -38.55
N ILE C 270 -23.83 -19.77 -38.51
CA ILE C 270 -23.08 -19.86 -37.26
C ILE C 270 -22.44 -18.52 -36.96
N LEU C 271 -22.56 -18.06 -35.71
CA LEU C 271 -21.81 -16.91 -35.21
C LEU C 271 -21.07 -17.37 -33.96
N SER C 272 -19.82 -17.84 -34.12
CA SER C 272 -19.04 -18.36 -33.01
C SER C 272 -17.99 -17.33 -32.61
N PHE C 273 -18.16 -16.76 -31.41
CA PHE C 273 -17.26 -15.74 -30.88
C PHE C 273 -17.10 -14.59 -31.86
N VAL C 274 -18.23 -14.15 -32.40
CA VAL C 274 -18.29 -12.99 -33.29
C VAL C 274 -18.98 -11.81 -32.61
N LEU C 275 -20.20 -12.02 -32.12
CA LEU C 275 -20.99 -10.89 -31.62
C LEU C 275 -20.32 -10.17 -30.46
N LEU C 276 -19.57 -10.89 -29.61
CA LEU C 276 -18.90 -10.22 -28.50
C LEU C 276 -17.86 -9.20 -28.97
N ASN C 277 -17.43 -9.27 -30.24
CA ASN C 277 -16.50 -8.28 -30.77
C ASN C 277 -17.15 -6.93 -31.04
N TRP C 278 -18.47 -6.80 -30.88
CA TRP C 278 -19.19 -5.68 -31.47
C TRP C 278 -20.13 -5.04 -30.47
N PRO C 279 -20.24 -3.72 -30.49
CA PRO C 279 -21.29 -3.06 -29.68
C PRO C 279 -22.66 -3.37 -30.26
N ASP C 280 -23.69 -2.99 -29.50
CA ASP C 280 -25.07 -3.39 -29.80
C ASP C 280 -25.47 -3.07 -31.24
N HIS C 281 -25.21 -1.85 -31.69
CA HIS C 281 -25.76 -1.48 -32.99
C HIS C 281 -25.08 -2.24 -34.13
N ASP C 282 -23.80 -2.60 -33.95
CA ASP C 282 -23.13 -3.44 -34.95
C ASP C 282 -23.52 -4.90 -34.82
N ALA C 283 -23.77 -5.37 -33.59
CA ALA C 283 -24.23 -6.74 -33.41
C ALA C 283 -25.58 -6.95 -34.10
N VAL C 284 -26.48 -5.97 -33.98
CA VAL C 284 -27.77 -6.07 -34.66
C VAL C 284 -27.60 -6.08 -36.17
N ARG C 285 -26.59 -5.35 -36.68
CA ARG C 285 -26.37 -5.34 -38.13
C ARG C 285 -25.98 -6.72 -38.62
N ILE C 286 -25.05 -7.38 -37.92
CA ILE C 286 -24.59 -8.71 -38.30
C ILE C 286 -25.74 -9.71 -38.23
N LEU C 287 -26.48 -9.68 -37.11
CA LEU C 287 -27.62 -10.58 -36.97
C LEU C 287 -28.66 -10.35 -38.06
N THR C 288 -28.83 -9.09 -38.50
CA THR C 288 -29.81 -8.82 -39.55
C THR C 288 -29.35 -9.41 -40.89
N ARG C 289 -28.07 -9.26 -41.22
CA ARG C 289 -27.55 -9.90 -42.43
C ARG C 289 -27.74 -11.40 -42.37
N CYS C 290 -27.53 -12.00 -41.20
CA CYS C 290 -27.72 -13.45 -41.06
C CYS C 290 -29.18 -13.83 -41.23
N ALA C 291 -30.09 -13.07 -40.62
CA ALA C 291 -31.52 -13.35 -40.79
C ALA C 291 -31.90 -13.31 -42.26
N GLU C 292 -31.33 -12.36 -43.01
CA GLU C 292 -31.68 -12.20 -44.41
C GLU C 292 -31.16 -13.34 -45.28
N ALA C 293 -30.18 -14.09 -44.81
CA ALA C 293 -29.64 -15.22 -45.57
C ALA C 293 -30.22 -16.55 -45.10
N LEU C 294 -31.18 -16.54 -44.19
CA LEU C 294 -31.76 -17.77 -43.67
C LEU C 294 -32.76 -18.36 -44.66
N GLU C 295 -32.58 -19.63 -44.99
CA GLU C 295 -33.61 -20.40 -45.69
C GLU C 295 -34.84 -20.55 -44.80
N PRO C 296 -36.00 -20.85 -45.39
CA PRO C 296 -37.17 -21.16 -44.56
C PRO C 296 -36.87 -22.28 -43.59
N GLY C 297 -37.33 -22.13 -42.35
CA GLY C 297 -37.03 -23.09 -41.30
C GLY C 297 -35.60 -23.05 -40.80
N GLY C 298 -34.78 -22.15 -41.30
CA GLY C 298 -33.40 -22.07 -40.87
C GLY C 298 -33.26 -21.52 -39.48
N ARG C 299 -32.04 -21.64 -38.93
CA ARG C 299 -31.73 -21.18 -37.60
C ARG C 299 -30.38 -20.48 -37.62
N ILE C 300 -30.21 -19.53 -36.70
CA ILE C 300 -28.93 -18.88 -36.45
C ILE C 300 -28.39 -19.44 -35.14
N LEU C 301 -27.13 -19.87 -35.15
CA LEU C 301 -26.50 -20.51 -34.00
C LEU C 301 -25.42 -19.58 -33.46
N ILE C 302 -25.56 -19.17 -32.21
CA ILE C 302 -24.61 -18.28 -31.56
C ILE C 302 -23.84 -19.11 -30.54
N HIS C 303 -22.52 -19.12 -30.66
CA HIS C 303 -21.65 -19.87 -29.78
C HIS C 303 -20.81 -18.85 -29.03
N GLU C 304 -21.07 -18.73 -27.73
CA GLU C 304 -20.50 -17.67 -26.90
C GLU C 304 -20.79 -18.02 -25.44
N ARG C 305 -20.37 -17.13 -24.56
CA ARG C 305 -20.76 -17.20 -23.16
C ARG C 305 -22.14 -16.59 -22.97
N ASP C 306 -22.91 -17.14 -22.02
CA ASP C 306 -24.25 -16.68 -21.74
C ASP C 306 -24.51 -16.87 -20.25
N ASP C 307 -23.81 -16.09 -19.43
CA ASP C 307 -23.98 -16.17 -17.98
C ASP C 307 -25.19 -15.34 -17.54
N LEU C 308 -25.94 -15.87 -16.58
CA LEU C 308 -26.78 -15.00 -15.76
C LEU C 308 -25.90 -13.89 -15.18
N HIS C 309 -26.47 -12.68 -15.06
CA HIS C 309 -25.69 -11.58 -14.50
C HIS C 309 -25.13 -11.93 -13.13
N GLU C 310 -25.95 -12.55 -12.27
CA GLU C 310 -25.48 -12.82 -10.92
C GLU C 310 -24.47 -13.97 -10.86
N ASN C 311 -24.26 -14.68 -11.97
CA ASN C 311 -23.20 -15.67 -12.07
C ASN C 311 -22.00 -15.17 -12.88
N SER C 312 -21.96 -13.88 -13.23
CA SER C 312 -20.94 -13.36 -14.13
C SER C 312 -19.76 -12.71 -13.40
N PHE C 313 -19.81 -12.60 -12.08
CA PHE C 313 -18.76 -11.96 -11.30
C PHE C 313 -17.61 -12.93 -11.05
N ASN C 314 -16.95 -13.33 -12.14
CA ASN C 314 -15.88 -14.30 -12.07
C ASN C 314 -14.80 -13.92 -13.07
N GLU C 315 -13.61 -14.45 -12.85
CA GLU C 315 -12.43 -14.01 -13.60
C GLU C 315 -12.44 -14.44 -15.06
N GLN C 316 -13.12 -15.54 -15.39
CA GLN C 316 -13.17 -15.97 -16.79
C GLN C 316 -14.04 -15.04 -17.62
N PHE C 317 -15.22 -14.69 -17.09
CA PHE C 317 -16.07 -13.70 -17.75
C PHE C 317 -15.35 -12.36 -17.91
N THR C 318 -14.73 -11.85 -16.83
CA THR C 318 -14.23 -10.48 -16.89
C THR C 318 -12.99 -10.34 -17.75
N GLU C 319 -12.12 -11.34 -17.79
CA GLU C 319 -10.95 -11.23 -18.68
C GLU C 319 -11.38 -11.08 -20.12
N LEU C 320 -12.28 -11.96 -20.59
CA LEU C 320 -12.75 -11.87 -21.95
C LEU C 320 -13.57 -10.60 -22.16
N ASP C 321 -14.45 -10.27 -21.21
CA ASP C 321 -15.29 -9.09 -21.38
C ASP C 321 -14.47 -7.81 -21.42
N LEU C 322 -13.48 -7.66 -20.54
CA LEU C 322 -12.68 -6.42 -20.56
C LEU C 322 -11.75 -6.35 -21.76
N ARG C 323 -11.25 -7.50 -22.23
CA ARG C 323 -10.54 -7.48 -23.50
C ARG C 323 -11.43 -6.96 -24.63
N MET C 324 -12.69 -7.41 -24.68
CA MET C 324 -13.56 -6.91 -25.74
C MET C 324 -13.76 -5.41 -25.61
N LEU C 325 -13.88 -4.91 -24.38
CA LEU C 325 -13.97 -3.47 -24.16
C LEU C 325 -12.78 -2.73 -24.80
N VAL C 326 -11.55 -3.03 -24.36
CA VAL C 326 -10.44 -2.17 -24.80
C VAL C 326 -9.94 -2.55 -26.20
N PHE C 327 -10.08 -3.82 -26.63
CA PHE C 327 -9.65 -4.16 -27.99
C PHE C 327 -10.59 -3.59 -29.02
N LEU C 328 -11.90 -3.62 -28.74
CA LEU C 328 -12.91 -3.58 -29.79
C LEU C 328 -14.15 -2.78 -29.44
N GLY C 329 -14.34 -2.37 -28.20
CA GLY C 329 -15.63 -1.81 -27.85
C GLY C 329 -16.77 -2.80 -27.87
N GLY C 330 -16.49 -4.10 -27.90
CA GLY C 330 -17.51 -5.14 -27.77
C GLY C 330 -17.80 -5.42 -26.32
N ALA C 331 -18.44 -6.56 -26.08
CA ALA C 331 -18.90 -6.92 -24.74
C ALA C 331 -19.42 -8.34 -24.72
N LEU C 332 -19.19 -9.06 -23.62
CA LEU C 332 -20.01 -10.24 -23.36
C LEU C 332 -21.42 -9.78 -22.99
N ARG C 333 -22.42 -10.58 -23.31
CA ARG C 333 -23.80 -10.22 -23.02
C ARG C 333 -24.37 -11.24 -22.05
N THR C 334 -24.84 -10.76 -20.89
CA THR C 334 -25.44 -11.66 -19.93
C THR C 334 -26.81 -12.12 -20.45
N ARG C 335 -27.37 -13.11 -19.75
CA ARG C 335 -28.47 -13.89 -20.30
C ARG C 335 -29.67 -13.02 -20.66
N GLU C 336 -29.95 -12.00 -19.86
CA GLU C 336 -31.18 -11.24 -20.06
C GLU C 336 -31.11 -10.30 -21.25
N LYS C 337 -29.95 -10.16 -21.89
CA LYS C 337 -29.84 -9.26 -23.04
C LYS C 337 -30.18 -9.94 -24.37
N TRP C 338 -30.15 -11.27 -24.42
CA TRP C 338 -30.23 -11.93 -25.73
C TRP C 338 -31.64 -11.91 -26.33
N ASP C 339 -32.70 -12.07 -25.51
CA ASP C 339 -34.03 -12.03 -26.11
C ASP C 339 -34.27 -10.70 -26.83
N GLY C 340 -33.85 -9.60 -26.21
CA GLY C 340 -34.07 -8.30 -26.82
C GLY C 340 -33.17 -8.04 -28.01
N LEU C 341 -31.90 -8.42 -27.92
CA LEU C 341 -30.99 -8.26 -29.06
C LEU C 341 -31.50 -9.03 -30.27
N ALA C 342 -31.99 -10.24 -30.05
CA ALA C 342 -32.61 -11.01 -31.13
C ALA C 342 -33.82 -10.27 -31.69
N ALA C 343 -34.72 -9.79 -30.81
CA ALA C 343 -35.91 -9.09 -31.28
C ALA C 343 -35.55 -7.87 -32.13
N SER C 344 -34.46 -7.18 -31.77
CA SER C 344 -34.03 -6.01 -32.53
C SER C 344 -33.66 -6.36 -33.97
N ALA C 345 -33.23 -7.60 -34.21
CA ALA C 345 -32.82 -8.05 -35.53
C ALA C 345 -33.88 -8.90 -36.21
N GLY C 346 -35.09 -8.94 -35.68
CA GLY C 346 -36.15 -9.73 -36.28
C GLY C 346 -36.09 -11.20 -35.94
N LEU C 347 -35.49 -11.56 -34.83
CA LEU C 347 -35.23 -12.93 -34.45
C LEU C 347 -35.80 -13.20 -33.06
N VAL C 348 -35.81 -14.47 -32.68
CA VAL C 348 -36.33 -14.88 -31.38
C VAL C 348 -35.50 -16.07 -30.91
N VAL C 349 -35.14 -16.04 -29.64
CA VAL C 349 -34.34 -17.13 -29.08
C VAL C 349 -35.21 -18.36 -28.92
N GLU C 350 -34.82 -19.45 -29.57
CA GLU C 350 -35.59 -20.69 -29.47
C GLU C 350 -35.15 -21.54 -28.29
N GLU C 351 -33.83 -21.64 -28.08
CA GLU C 351 -33.30 -22.54 -27.08
C GLU C 351 -31.85 -22.16 -26.81
N VAL C 352 -31.40 -22.41 -25.58
CA VAL C 352 -30.01 -22.22 -25.20
C VAL C 352 -29.52 -23.51 -24.57
N ARG C 353 -28.35 -23.97 -24.99
CA ARG C 353 -27.80 -25.23 -24.52
C ARG C 353 -26.42 -24.94 -23.93
N GLN C 354 -26.30 -25.13 -22.61
CA GLN C 354 -24.99 -24.96 -21.97
C GLN C 354 -24.08 -26.11 -22.36
N LEU C 355 -22.85 -25.76 -22.75
CA LEU C 355 -22.00 -26.74 -23.41
C LEU C 355 -20.92 -27.28 -22.48
N PRO C 356 -20.66 -28.59 -22.56
CA PRO C 356 -19.55 -29.16 -21.79
C PRO C 356 -18.20 -28.68 -22.29
N SER C 357 -17.27 -28.49 -21.35
CA SER C 357 -15.91 -28.04 -21.63
C SER C 357 -14.93 -29.12 -21.17
N PRO C 358 -14.85 -30.24 -21.92
CA PRO C 358 -13.99 -31.36 -21.46
C PRO C 358 -12.50 -31.08 -21.55
N THR C 359 -12.10 -29.88 -21.97
CA THR C 359 -10.71 -29.46 -21.88
C THR C 359 -10.45 -28.88 -20.50
N ILE C 360 -10.70 -27.58 -20.34
CA ILE C 360 -10.67 -26.93 -19.03
C ILE C 360 -12.07 -26.36 -18.78
N PRO C 361 -12.59 -26.42 -17.53
CA PRO C 361 -13.95 -25.92 -17.28
C PRO C 361 -14.10 -24.45 -17.65
N TYR C 362 -14.48 -24.20 -18.90
CA TYR C 362 -14.74 -22.86 -19.43
C TYR C 362 -16.14 -22.90 -20.03
N ASP C 363 -17.10 -22.24 -19.37
CA ASP C 363 -18.51 -22.48 -19.62
C ASP C 363 -18.99 -21.70 -20.84
N LEU C 364 -19.36 -22.43 -21.89
CA LEU C 364 -19.87 -21.84 -23.11
C LEU C 364 -21.26 -22.38 -23.39
N SER C 365 -21.99 -21.69 -24.27
CA SER C 365 -23.33 -22.13 -24.61
C SER C 365 -23.55 -21.96 -26.11
N LEU C 366 -24.63 -22.57 -26.56
CA LEU C 366 -25.07 -22.48 -27.95
C LEU C 366 -26.50 -21.97 -27.93
N LEU C 367 -26.72 -20.75 -28.41
CA LEU C 367 -28.06 -20.20 -28.53
C LEU C 367 -28.58 -20.45 -29.94
N VAL C 368 -29.84 -20.88 -30.03
CA VAL C 368 -30.47 -21.16 -31.30
C VAL C 368 -31.57 -20.13 -31.52
N LEU C 369 -31.47 -19.36 -32.60
CA LEU C 369 -32.39 -18.28 -32.92
C LEU C 369 -33.16 -18.58 -34.19
N ALA C 370 -34.42 -18.17 -34.23
CA ALA C 370 -35.29 -18.31 -35.39
C ALA C 370 -35.80 -16.95 -35.83
N PRO C 371 -36.33 -16.82 -37.05
CA PRO C 371 -37.02 -15.58 -37.40
C PRO C 371 -38.24 -15.38 -36.52
N ALA C 372 -38.42 -14.16 -36.04
CA ALA C 372 -39.58 -13.85 -35.22
C ALA C 372 -40.81 -13.74 -36.11
N ALA C 373 -41.96 -14.10 -35.53
CA ALA C 373 -43.24 -14.12 -36.23
C ALA C 373 -43.47 -12.89 -37.11
N SAH D . -7.84 7.75 26.13
CA SAH D . -6.90 8.89 26.06
CB SAH D . -6.97 9.77 27.32
CG SAH D . -6.60 9.02 28.62
SD SAH D . -6.69 10.08 30.10
C SAH D . -5.47 8.41 25.84
O SAH D . -4.53 9.22 25.78
OXT SAH D . -5.21 7.20 25.78
C5' SAH D . -8.23 9.50 30.86
C4' SAH D . -9.47 10.25 30.35
O4' SAH D . -10.61 9.93 31.13
C3' SAH D . -9.31 11.78 30.50
O3' SAH D . -9.20 12.43 29.25
C2' SAH D . -10.55 12.23 31.26
O2' SAH D . -11.14 13.44 30.81
C1' SAH D . -11.49 11.04 31.07
N9 SAH D . -12.44 10.91 32.18
C8 SAH D . -12.16 10.92 33.52
N7 SAH D . -13.31 10.74 34.21
C5 SAH D . -14.32 10.62 33.31
C6 SAH D . -15.70 10.42 33.44
N6 SAH D . -16.29 10.30 34.63
N1 SAH D . -16.46 10.33 32.30
C2 SAH D . -15.91 10.46 31.04
N3 SAH D . -14.55 10.67 30.92
C4 SAH D . -13.78 10.74 32.03
C5 4MU E . -0.20 7.82 30.79
C6 4MU E . -1.36 8.43 31.29
C7 4MU E . -1.29 9.26 32.46
C2 4MU E . 3.57 8.48 32.83
C3 4MU E . 3.55 7.62 31.63
C4 4MU E . 2.30 7.39 30.94
O2 4MU E . 4.59 8.68 33.45
O1 4MU E . 2.36 9.09 33.31
CM4 4MU E . 2.27 6.51 29.69
C4A 4MU E . 1.04 8.04 31.44
C8A 4MU E . 1.08 8.87 32.60
C8 4MU E . -0.08 9.48 33.11
O1' 4MU E . -2.45 9.86 32.97
S SO4 F . -0.72 27.26 39.79
O1 SO4 F . -0.80 27.46 38.34
O2 SO4 F . -0.11 28.44 40.39
O3 SO4 F . -2.02 27.03 40.40
O4 SO4 F . 0.11 26.09 40.03
S SO4 G . 9.35 33.06 27.67
O1 SO4 G . 8.98 34.03 28.71
O2 SO4 G . 9.76 33.78 26.47
O3 SO4 G . 8.19 32.21 27.38
O4 SO4 G . 10.44 32.22 28.14
S SO4 H . -20.07 16.21 17.11
O1 SO4 H . -20.09 17.64 16.79
O2 SO4 H . -18.90 15.91 17.94
O3 SO4 H . -21.29 15.86 17.83
O4 SO4 H . -19.99 15.45 15.87
S SO4 I . 27.64 42.65 27.86
O1 SO4 I . 28.22 43.51 26.84
O2 SO4 I . 28.43 42.78 29.09
O3 SO4 I . 26.26 43.06 28.13
O4 SO4 I . 27.66 41.27 27.39
N SAH J . 15.79 11.65 0.41
CA SAH J . 14.33 11.64 0.22
CB SAH J . 13.91 11.75 -1.26
CG SAH J . 14.41 10.61 -2.13
SD SAH J . 13.92 10.72 -3.87
C SAH J . 13.66 10.42 0.86
O SAH J . 14.32 9.56 1.45
OXT SAH J . 12.42 10.27 0.76
C5' SAH J . 15.54 11.22 -4.55
C4' SAH J . 15.68 12.75 -4.66
O4' SAH J . 16.84 13.08 -5.42
C3' SAH J . 14.50 13.43 -5.38
O3' SAH J . 13.78 14.26 -4.49
C2' SAH J . 15.16 14.27 -6.47
O2' SAH J . 14.64 15.57 -6.62
C1' SAH J . 16.60 14.33 -6.04
N9 SAH J . 17.54 14.50 -7.16
C8 SAH J . 17.55 13.80 -8.35
N7 SAH J . 18.58 14.25 -9.09
C5 SAH J . 19.21 15.23 -8.41
C6 SAH J . 20.31 16.03 -8.70
N6 SAH J . 21.00 15.93 -9.85
N1 SAH J . 20.71 16.95 -7.75
C2 SAH J . 20.05 17.11 -6.55
N3 SAH J . 18.96 16.32 -6.28
C4 SAH J . 18.56 15.41 -7.18
C5 4MU K . 11.12 4.60 -2.58
C6 4MU K . 11.55 5.59 -3.48
C7 4MU K . 11.14 5.58 -4.84
C2 4MU K . 8.49 1.48 -4.06
C3 4MU K . 8.89 1.46 -2.63
C4 4MU K . 9.77 2.50 -2.13
O2 4MU K . 7.76 0.62 -4.50
O1 4MU K . 8.96 2.53 -4.92
CM4 4MU K . 10.19 2.47 -0.67
C4A 4MU K . 10.25 3.58 -3.05
C8A 4MU K . 9.84 3.59 -4.41
C8 4MU K . 10.28 4.59 -5.31
O1' 4MU K . 11.57 6.57 -5.72
S SO4 L . 17.93 -4.88 -29.73
O1 SO4 L . 18.56 -3.76 -30.40
O2 SO4 L . 17.82 -4.55 -28.31
O3 SO4 L . 16.58 -5.10 -30.28
O4 SO4 L . 18.72 -6.08 -29.96
S SO4 M . -0.17 12.86 -19.06
O1 SO4 M . 0.99 13.22 -19.88
O2 SO4 M . -0.36 13.82 -17.98
O3 SO4 M . -1.36 12.82 -19.88
O4 SO4 M . 0.06 11.54 -18.48
S SO4 N . -25.11 3.36 -20.74
O1 SO4 N . -24.72 4.56 -21.46
O2 SO4 N . -23.98 2.85 -19.97
O3 SO4 N . -26.21 3.69 -19.84
O4 SO4 N . -25.53 2.33 -21.70
S SO4 O . 24.98 1.26 -17.10
O1 SO4 O . 23.74 2.04 -17.16
O2 SO4 O . 26.16 2.03 -16.64
O3 SO4 O . 25.18 0.78 -18.47
O4 SO4 O . 24.78 0.16 -16.16
S SO4 P . 23.38 -9.11 -7.02
O1 SO4 P . 22.96 -7.76 -7.36
O2 SO4 P . 24.28 -9.07 -5.86
O3 SO4 P . 22.20 -9.90 -6.69
O4 SO4 P . 24.08 -9.71 -8.16
S SO4 Q . 16.26 28.71 3.17
O1 SO4 Q . 15.16 29.62 2.82
O2 SO4 Q . 17.51 29.46 3.26
O3 SO4 Q . 16.37 27.68 2.14
O4 SO4 Q . 15.96 28.08 4.46
N SAH R . -15.50 -18.10 -35.27
CA SAH R . -14.11 -18.38 -34.93
CB SAH R . -13.32 -17.08 -34.99
CG SAH R . -13.89 -15.97 -34.09
SD SAH R . -12.87 -14.47 -33.93
C SAH R . -13.99 -19.04 -33.56
O SAH R . -12.88 -19.27 -33.05
OXT SAH R . -15.00 -19.37 -32.93
C5' SAH R . -13.94 -13.42 -34.95
C4' SAH R . -13.71 -13.53 -36.47
O4' SAH R . -14.48 -12.51 -37.11
C3' SAH R . -12.26 -13.22 -36.86
O3' SAH R . -11.62 -14.37 -37.34
C2' SAH R . -12.34 -12.11 -37.90
O2' SAH R . -11.56 -12.39 -39.03
C1' SAH R . -13.82 -12.14 -38.30
N9 SAH R . -14.33 -10.85 -38.77
C8 SAH R . -14.24 -9.63 -38.15
N7 SAH R . -14.85 -8.71 -38.91
C5 SAH R . -15.33 -9.33 -40.03
C6 SAH R . -16.04 -8.87 -41.14
N6 SAH R . -16.39 -7.59 -41.28
N1 SAH R . -16.38 -9.78 -42.10
C2 SAH R . -16.04 -11.11 -41.98
N3 SAH R . -15.34 -11.56 -40.90
C4 SAH R . -15.01 -10.67 -39.93
C5 4MU S . -11.06 -14.71 -28.39
C6 4MU S . -10.91 -13.63 -29.29
C7 4MU S . -10.31 -12.43 -28.86
C2 4MU S . -9.66 -14.29 -24.30
C3 4MU S . -10.28 -15.57 -24.73
C4 4MU S . -10.75 -15.72 -26.10
O2 4MU S . -9.27 -14.13 -23.16
O1 4MU S . -9.52 -13.22 -25.25
CM4 4MU S . -11.39 -17.01 -26.55
C4A 4MU S . -10.60 -14.59 -27.07
C8A 4MU S . -10.00 -13.37 -26.64
C8 4MU S . -9.86 -12.30 -27.54
O1' 4MU S . -10.16 -11.34 -29.74
S SO4 T . 5.25 -4.07 -33.23
O1 SO4 T . 4.41 -3.01 -33.79
O2 SO4 T . 6.63 -3.58 -33.20
O3 SO4 T . 4.81 -4.39 -31.88
O4 SO4 T . 5.20 -5.30 -34.01
S SO4 U . 17.80 -23.33 -27.72
O1 SO4 U . 18.48 -22.54 -26.71
O2 SO4 U . 17.75 -22.61 -28.99
O3 SO4 U . 16.44 -23.61 -27.27
O4 SO4 U . 18.53 -24.58 -27.92
#